data_8GD6
# 
_entry.id   8GD6 
# 
_audit_conform.dict_name       mmcif_pdbx.dic 
_audit_conform.dict_version    5.396 
_audit_conform.dict_location   http://mmcif.pdb.org/dictionaries/ascii/mmcif_pdbx.dic 
# 
loop_
_database_2.database_id 
_database_2.database_code 
_database_2.pdbx_database_accession 
_database_2.pdbx_DOI 
PDB   8GD6         pdb_00008gd6 10.2210/pdb8gd6/pdb 
WWPDB D_1000272524 ?            ?                   
# 
loop_
_pdbx_audit_revision_history.ordinal 
_pdbx_audit_revision_history.data_content_type 
_pdbx_audit_revision_history.major_revision 
_pdbx_audit_revision_history.minor_revision 
_pdbx_audit_revision_history.revision_date 
1 'Structure model' 1 0 2023-11-15 
2 'Structure model' 2 0 2024-09-25 
# 
_pdbx_audit_revision_details.ordinal             1 
_pdbx_audit_revision_details.revision_ordinal    1 
_pdbx_audit_revision_details.data_content_type   'Structure model' 
_pdbx_audit_revision_details.provider            repository 
_pdbx_audit_revision_details.type                'Initial release' 
_pdbx_audit_revision_details.description         ? 
_pdbx_audit_revision_details.details             ? 
# 
loop_
_pdbx_audit_revision_group.ordinal 
_pdbx_audit_revision_group.revision_ordinal 
_pdbx_audit_revision_group.data_content_type 
_pdbx_audit_revision_group.group 
1 2 'Structure model' Advisory                   
2 2 'Structure model' 'Atomic model'             
3 2 'Structure model' 'Data collection'          
4 2 'Structure model' 'Derived calculations'     
5 2 'Structure model' 'Experimental preparation' 
6 2 'Structure model' 'Non-polymer description'  
7 2 'Structure model' 'Polymer sequence'         
8 2 'Structure model' 'Structure summary'        
# 
loop_
_pdbx_audit_revision_category.ordinal 
_pdbx_audit_revision_category.revision_ordinal 
_pdbx_audit_revision_category.data_content_type 
_pdbx_audit_revision_category.category 
1  2 'Structure model' atom_site                       
2  2 'Structure model' atom_site_anisotrop             
3  2 'Structure model' chem_comp                       
4  2 'Structure model' chem_comp_atom                  
5  2 'Structure model' chem_comp_bond                  
6  2 'Structure model' entity                          
7  2 'Structure model' entity_poly                     
8  2 'Structure model' entity_poly_seq                 
9  2 'Structure model' exptl_crystal                   
10 2 'Structure model' pdbx_entity_nonpoly             
11 2 'Structure model' pdbx_nonpoly_scheme             
12 2 'Structure model' pdbx_poly_seq_scheme            
13 2 'Structure model' pdbx_struct_assembly_gen        
14 2 'Structure model' pdbx_unobs_or_zero_occ_residues 
15 2 'Structure model' struct_asym                     
16 2 'Structure model' struct_conf                     
17 2 'Structure model' struct_conn                     
# 
loop_
_pdbx_audit_revision_item.ordinal 
_pdbx_audit_revision_item.revision_ordinal 
_pdbx_audit_revision_item.data_content_type 
_pdbx_audit_revision_item.item 
1  2 'Structure model' '_atom_site.B_iso_or_equiv'               
2  2 'Structure model' '_atom_site.Cartn_x'                      
3  2 'Structure model' '_atom_site.Cartn_y'                      
4  2 'Structure model' '_atom_site.Cartn_z'                      
5  2 'Structure model' '_atom_site.auth_atom_id'                 
6  2 'Structure model' '_atom_site.auth_comp_id'                 
7  2 'Structure model' '_atom_site.auth_seq_id'                  
8  2 'Structure model' '_atom_site.group_PDB'                    
9  2 'Structure model' '_atom_site.label_alt_id'                 
10 2 'Structure model' '_atom_site.label_asym_id'                
11 2 'Structure model' '_atom_site.label_atom_id'                
12 2 'Structure model' '_atom_site.label_comp_id'                
13 2 'Structure model' '_atom_site.label_entity_id'              
14 2 'Structure model' '_atom_site.label_seq_id'                 
15 2 'Structure model' '_atom_site.occupancy'                    
16 2 'Structure model' '_atom_site.type_symbol'                  
17 2 'Structure model' '_atom_site_anisotrop.U[1][1]'            
18 2 'Structure model' '_atom_site_anisotrop.U[1][2]'            
19 2 'Structure model' '_atom_site_anisotrop.U[1][3]'            
20 2 'Structure model' '_atom_site_anisotrop.U[2][2]'            
21 2 'Structure model' '_atom_site_anisotrop.U[2][3]'            
22 2 'Structure model' '_atom_site_anisotrop.U[3][3]'            
23 2 'Structure model' '_atom_site_anisotrop.id'                 
24 2 'Structure model' '_atom_site_anisotrop.pdbx_auth_atom_id'  
25 2 'Structure model' '_atom_site_anisotrop.pdbx_auth_comp_id'  
26 2 'Structure model' '_atom_site_anisotrop.pdbx_auth_seq_id'   
27 2 'Structure model' '_atom_site_anisotrop.pdbx_label_alt_id'  
28 2 'Structure model' '_atom_site_anisotrop.pdbx_label_asym_id' 
29 2 'Structure model' '_atom_site_anisotrop.pdbx_label_atom_id' 
30 2 'Structure model' '_atom_site_anisotrop.pdbx_label_comp_id' 
31 2 'Structure model' '_atom_site_anisotrop.pdbx_label_seq_id'  
32 2 'Structure model' '_atom_site_anisotrop.type_symbol'        
33 2 'Structure model' '_chem_comp.formula'                      
34 2 'Structure model' '_chem_comp.formula_weight'               
35 2 'Structure model' '_chem_comp.id'                           
36 2 'Structure model' '_chem_comp.mon_nstd_flag'                
37 2 'Structure model' '_chem_comp.name'                         
38 2 'Structure model' '_chem_comp.type'                         
39 2 'Structure model' '_entity_poly.pdbx_seq_one_letter_code'   
40 2 'Structure model' '_entity_poly_seq.mon_id'                 
41 2 'Structure model' '_exptl_crystal.density_Matthews'         
42 2 'Structure model' '_exptl_crystal.density_percent_sol'      
43 2 'Structure model' '_pdbx_poly_seq_scheme.auth_mon_id'       
44 2 'Structure model' '_pdbx_poly_seq_scheme.auth_seq_num'      
45 2 'Structure model' '_pdbx_poly_seq_scheme.mon_id'            
46 2 'Structure model' '_pdbx_poly_seq_scheme.pdb_mon_id'        
47 2 'Structure model' '_pdbx_struct_assembly_gen.asym_id_list'  
48 2 'Structure model' '_struct_conf.beg_auth_comp_id'           
49 2 'Structure model' '_struct_conf.beg_auth_seq_id'            
50 2 'Structure model' '_struct_conf.beg_label_comp_id'          
51 2 'Structure model' '_struct_conf.beg_label_seq_id'           
52 2 'Structure model' '_struct_conf.pdbx_PDB_helix_length'      
53 2 'Structure model' '_struct_conn.pdbx_dist_value'            
54 2 'Structure model' '_struct_conn.pdbx_leaving_atom_flag'     
55 2 'Structure model' '_struct_conn.pdbx_ptnr2_label_alt_id'    
56 2 'Structure model' '_struct_conn.ptnr1_auth_comp_id'         
57 2 'Structure model' '_struct_conn.ptnr1_auth_seq_id'          
58 2 'Structure model' '_struct_conn.ptnr1_label_atom_id'        
59 2 'Structure model' '_struct_conn.ptnr1_label_comp_id'        
60 2 'Structure model' '_struct_conn.ptnr1_label_seq_id'         
61 2 'Structure model' '_struct_conn.ptnr2_auth_comp_id'         
62 2 'Structure model' '_struct_conn.ptnr2_auth_seq_id'          
63 2 'Structure model' '_struct_conn.ptnr2_label_asym_id'        
64 2 'Structure model' '_struct_conn.ptnr2_label_atom_id'        
65 2 'Structure model' '_struct_conn.ptnr2_label_comp_id'        
66 2 'Structure model' '_struct_conn.ptnr2_label_seq_id'         
# 
_pdbx_database_status.status_code                     REL 
_pdbx_database_status.status_code_sf                  REL 
_pdbx_database_status.status_code_mr                  ? 
_pdbx_database_status.entry_id                        8GD6 
_pdbx_database_status.recvd_initial_deposition_date   2023-03-03 
_pdbx_database_status.SG_entry                        N 
_pdbx_database_status.deposit_site                    RCSB 
_pdbx_database_status.process_site                    RCSB 
_pdbx_database_status.status_code_cs                  ? 
_pdbx_database_status.status_code_nmr_data            ? 
_pdbx_database_status.methods_development_category    ? 
_pdbx_database_status.pdb_format_compatible           Y 
# 
_pdbx_contact_author.id                 2 
_pdbx_contact_author.email              andyn@uic.edu 
_pdbx_contact_author.name_first         Andy 
_pdbx_contact_author.name_last          Nguyen 
_pdbx_contact_author.name_mi            I 
_pdbx_contact_author.role               'principal investigator/group leader' 
_pdbx_contact_author.identifier_ORCID   0000-0003-4137-6453 
# 
loop_
_audit_author.name 
_audit_author.pdbx_ordinal 
_audit_author.identifier_ORCID 
'Hess, S.S.'   1 0000-0002-2125-7679 
'Nguyen, A.I.' 2 0000-0003-4137-6453 
# 
loop_
_citation.abstract 
_citation.abstract_id_CAS 
_citation.book_id_ISBN 
_citation.book_publisher 
_citation.book_publisher_city 
_citation.book_title 
_citation.coordinate_linkage 
_citation.country 
_citation.database_id_Medline 
_citation.details 
_citation.id 
_citation.journal_abbrev 
_citation.journal_id_ASTM 
_citation.journal_id_CSD 
_citation.journal_id_ISSN 
_citation.journal_full 
_citation.journal_issue 
_citation.journal_volume 
_citation.language 
_citation.page_first 
_citation.page_last 
_citation.title 
_citation.year 
_citation.database_id_CSD 
_citation.pdbx_database_id_DOI 
_citation.pdbx_database_id_PubMed 
_citation.pdbx_database_id_patent 
_citation.unpublished_flag 
? ? ? ? ? ? ? US ? ? primary J.Am.Chem.Soc.                                   JACSAT ?    1520-5126 ? ? 145 ? 19588 19600 
'Noncovalent Peptide Assembly Enables Crystalline, Permutable, and Reactive Thiol Frameworks.' 2023 ? 10.1021/jacs.3c03645 
37639365 ? ? 
? ? ? ? ? ? ? DK ? ? 1       'Acta Crystallogr., Sect. D: Biol. Crystallogr.' ABCRE6 0766 0907-4449 ? ? 68  ? 352   67    
'Towards automated crystallographic structure refinement with phenix.refine.'                  2012 ? ?                    ? ? ? 
# 
loop_
_citation_author.citation_id 
_citation_author.name 
_citation_author.ordinal 
_citation_author.identifier_ORCID 
primary 'Hess, S.S.'    1  ?                   
primary 'Coppola, F.'   2  0000-0002-2429-204X 
primary 'Dang, V.T.'    3  ?                   
primary 'Tran, P.N.'    4  ?                   
primary 'Mickel, P.J.'  5  ?                   
primary 'Oktawiec, J.'  6  0000-0002-2895-3327 
primary 'Ren, Z.'       7  0000-0001-7098-3127 
primary 'Kral, P.'      8  0000-0003-2992-9027 
primary 'Nguyen, A.I.'  9  0000-0003-4137-6453 
1       'Afonine, P.V.' 10 ?                   
# 
loop_
_entity.id 
_entity.type 
_entity.src_method 
_entity.pdbx_description 
_entity.formula_weight 
_entity.pdbx_number_of_molecules 
_entity.pdbx_ec 
_entity.pdbx_mutation 
_entity.pdbx_fragment 
_entity.details 
1 polymer syn 'bipyridyl-conjugated helical peptide' 1216.455 1 ? ? ? ? 
2 water   nat water                                  18.015   1 ? ? ? ? 
# 
_entity_poly.entity_id                      1 
_entity_poly.type                           'polypeptide(L)' 
_entity_poly.nstd_linkage                   no 
_entity_poly.nstd_monomer                   yes 
_entity_poly.pdbx_seq_one_letter_code       '(NIO)L(AIB)A(AIB)L(AIB)C(AIB)L(I77)' 
_entity_poly.pdbx_seq_one_letter_code_can   XLAAALACALX 
_entity_poly.pdbx_strand_id                 A 
_entity_poly.pdbx_target_identifier         ? 
# 
_pdbx_entity_nonpoly.entity_id   2 
_pdbx_entity_nonpoly.name        water 
_pdbx_entity_nonpoly.comp_id     HOH 
# 
loop_
_entity_poly_seq.entity_id 
_entity_poly_seq.num 
_entity_poly_seq.mon_id 
_entity_poly_seq.hetero 
1 1  NIO n 
1 2  LEU n 
1 3  AIB n 
1 4  ALA n 
1 5  AIB n 
1 6  LEU n 
1 7  AIB n 
1 8  CYS n 
1 9  AIB n 
1 10 LEU n 
1 11 I77 n 
# 
_pdbx_entity_src_syn.entity_id              1 
_pdbx_entity_src_syn.pdbx_src_id            1 
_pdbx_entity_src_syn.pdbx_alt_source_flag   sample 
_pdbx_entity_src_syn.pdbx_beg_seq_num       1 
_pdbx_entity_src_syn.pdbx_end_seq_num       11 
_pdbx_entity_src_syn.organism_scientific    'synthetic construct' 
_pdbx_entity_src_syn.organism_common_name   ? 
_pdbx_entity_src_syn.ncbi_taxonomy_id       32630 
_pdbx_entity_src_syn.details                ? 
# 
loop_
_chem_comp.id 
_chem_comp.type 
_chem_comp.mon_nstd_flag 
_chem_comp.name 
_chem_comp.pdbx_synonyms 
_chem_comp.formula 
_chem_comp.formula_weight 
AIB 'L-peptide linking' n 'ALPHA-AMINOISOBUTYRIC ACID'                            ? 'C4 H9 N O2'    103.120 
ALA 'L-peptide linking' y ALANINE                                                 ? 'C3 H7 N O2'    89.093  
CYS 'L-peptide linking' y CYSTEINE                                                ? 'C3 H7 N O2 S'  121.158 
HOH non-polymer         . WATER                                                   ? 'H2 O'          18.015  
I77 non-polymer         . "5'-(hydrazinecarbonyl)[2,2'-bipyridine]-5-carboxamide" ? 'C12 H11 N5 O2' 257.248 
LEU 'L-peptide linking' y LEUCINE                                                 ? 'C6 H13 N O2'   131.173 
NIO non-polymer         . 'NICOTINIC ACID'                                        ? 'C6 H5 N O2'    123.109 
# 
loop_
_pdbx_poly_seq_scheme.asym_id 
_pdbx_poly_seq_scheme.entity_id 
_pdbx_poly_seq_scheme.seq_id 
_pdbx_poly_seq_scheme.mon_id 
_pdbx_poly_seq_scheme.ndb_seq_num 
_pdbx_poly_seq_scheme.pdb_seq_num 
_pdbx_poly_seq_scheme.auth_seq_num 
_pdbx_poly_seq_scheme.pdb_mon_id 
_pdbx_poly_seq_scheme.auth_mon_id 
_pdbx_poly_seq_scheme.pdb_strand_id 
_pdbx_poly_seq_scheme.pdb_ins_code 
_pdbx_poly_seq_scheme.hetero 
A 1 1  NIO 1  1  1  NIO NIO A . n 
A 1 2  LEU 2  2  2  LEU LEU A . n 
A 1 3  AIB 3  3  3  AIB AIB A . n 
A 1 4  ALA 4  4  4  ALA ALA A . n 
A 1 5  AIB 5  5  5  AIB AIB A . n 
A 1 6  LEU 6  6  6  LEU LEU A . n 
A 1 7  AIB 7  7  7  AIB AIB A . n 
A 1 8  CYS 8  8  8  CYS CYS A . n 
A 1 9  AIB 9  9  9  AIB AIB A . n 
A 1 10 LEU 10 10 10 LEU LEU A . n 
A 1 11 I77 11 11 11 I77 BPH A . n 
# 
_pdbx_nonpoly_scheme.asym_id         B 
_pdbx_nonpoly_scheme.entity_id       2 
_pdbx_nonpoly_scheme.mon_id          HOH 
_pdbx_nonpoly_scheme.ndb_seq_num     1 
_pdbx_nonpoly_scheme.pdb_seq_num     201 
_pdbx_nonpoly_scheme.auth_seq_num    1 
_pdbx_nonpoly_scheme.pdb_mon_id      HOH 
_pdbx_nonpoly_scheme.auth_mon_id     HOH 
_pdbx_nonpoly_scheme.pdb_strand_id   A 
_pdbx_nonpoly_scheme.pdb_ins_code    . 
# 
loop_
_software.citation_id 
_software.classification 
_software.compiler_name 
_software.compiler_version 
_software.contact_author 
_software.contact_author_email 
_software.date 
_software.description 
_software.dependencies 
_software.hardware 
_software.language 
_software.location 
_software.mods 
_software.name 
_software.os 
_software.os_version 
_software.type 
_software.version 
_software.pdbx_ordinal 
? refinement       ? ? ? ? ? ? ? ? ? ? ? PHENIX ? ? ? 1.19.2_4158 1 
? 'data reduction' ? ? ? ? ? ? ? ? ? ? ? XDS    ? ? ? .           2 
? 'data scaling'   ? ? ? ? ? ? ? ? ? ? ? XDS    ? ? ? .           3 
? phasing          ? ? ? ? ? ? ? ? ? ? ? PHASER ? ? ? .           4 
# 
_cell.angle_alpha                  90.000 
_cell.angle_alpha_esd              ? 
_cell.angle_beta                   95.026 
_cell.angle_beta_esd               ? 
_cell.angle_gamma                  90.000 
_cell.angle_gamma_esd              ? 
_cell.entry_id                     8GD6 
_cell.details                      ? 
_cell.formula_units_Z              ? 
_cell.length_a                     54.848 
_cell.length_a_esd                 ? 
_cell.length_b                     9.172 
_cell.length_b_esd                 ? 
_cell.length_c                     16.571 
_cell.length_c_esd                 ? 
_cell.volume                       8304.252 
_cell.volume_esd                   ? 
_cell.Z_PDB                        4 
_cell.reciprocal_angle_alpha       ? 
_cell.reciprocal_angle_beta        ? 
_cell.reciprocal_angle_gamma       ? 
_cell.reciprocal_angle_alpha_esd   ? 
_cell.reciprocal_angle_beta_esd    ? 
_cell.reciprocal_angle_gamma_esd   ? 
_cell.reciprocal_length_a          ? 
_cell.reciprocal_length_b          ? 
_cell.reciprocal_length_c          ? 
_cell.reciprocal_length_a_esd      ? 
_cell.reciprocal_length_b_esd      ? 
_cell.reciprocal_length_c_esd      ? 
_cell.pdbx_unique_axis             ? 
_cell.pdbx_esd_method              ? 
# 
_symmetry.entry_id                         8GD6 
_symmetry.cell_setting                     ? 
_symmetry.Int_Tables_number                5 
_symmetry.space_group_name_Hall            'C 2y' 
_symmetry.space_group_name_H-M             'C 1 2 1' 
_symmetry.pdbx_full_space_group_name_H-M   ? 
# 
_exptl.absorpt_coefficient_mu     ? 
_exptl.absorpt_correction_T_max   ? 
_exptl.absorpt_correction_T_min   ? 
_exptl.absorpt_correction_type    ? 
_exptl.absorpt_process_details    ? 
_exptl.entry_id                   8GD6 
_exptl.crystals_number            1 
_exptl.details                    ? 
_exptl.method                     'X-RAY DIFFRACTION' 
_exptl.method_details             ? 
# 
_exptl_crystal.colour                       ? 
_exptl_crystal.density_diffrn               ? 
_exptl_crystal.density_Matthews             2.38 
_exptl_crystal.density_method               ? 
_exptl_crystal.density_percent_sol          48.33 
_exptl_crystal.description                  ? 
_exptl_crystal.F_000                        ? 
_exptl_crystal.id                           1 
_exptl_crystal.preparation                  ? 
_exptl_crystal.size_max                     ? 
_exptl_crystal.size_mid                     ? 
_exptl_crystal.size_min                     ? 
_exptl_crystal.size_rad                     ? 
_exptl_crystal.colour_lustre                ? 
_exptl_crystal.colour_modifier              ? 
_exptl_crystal.colour_primary               ? 
_exptl_crystal.density_meas                 ? 
_exptl_crystal.density_meas_esd             ? 
_exptl_crystal.density_meas_gt              ? 
_exptl_crystal.density_meas_lt              ? 
_exptl_crystal.density_meas_temp            ? 
_exptl_crystal.density_meas_temp_esd        ? 
_exptl_crystal.density_meas_temp_gt         ? 
_exptl_crystal.density_meas_temp_lt         ? 
_exptl_crystal.pdbx_crystal_image_url       ? 
_exptl_crystal.pdbx_crystal_image_format    ? 
_exptl_crystal.pdbx_mosaicity               ? 
_exptl_crystal.pdbx_mosaicity_esd           ? 
_exptl_crystal.pdbx_mosaic_method           ? 
_exptl_crystal.pdbx_mosaic_block_size       ? 
_exptl_crystal.pdbx_mosaic_block_size_esd   ? 
# 
_exptl_crystal_grow.apparatus       ? 
_exptl_crystal_grow.atmosphere      ? 
_exptl_crystal_grow.crystal_id      1 
_exptl_crystal_grow.details         ? 
_exptl_crystal_grow.method          'SLOW COOLING' 
_exptl_crystal_grow.method_ref      ? 
_exptl_crystal_grow.pH              ? 
_exptl_crystal_grow.pressure        ? 
_exptl_crystal_grow.pressure_esd    ? 
_exptl_crystal_grow.seeding         ? 
_exptl_crystal_grow.seeding_ref     ? 
_exptl_crystal_grow.temp_details    ? 
_exptl_crystal_grow.temp_esd        ? 
_exptl_crystal_grow.time            ? 
_exptl_crystal_grow.pdbx_details    Water/Acetonitrile 
_exptl_crystal_grow.pdbx_pH_range   ? 
_exptl_crystal_grow.temp            298 
# 
_diffrn.ambient_environment              ? 
_diffrn.ambient_temp                     100 
_diffrn.ambient_temp_details             ? 
_diffrn.ambient_temp_esd                 ? 
_diffrn.crystal_id                       1 
_diffrn.crystal_support                  ? 
_diffrn.crystal_treatment                ? 
_diffrn.details                          ? 
_diffrn.id                               1 
_diffrn.ambient_pressure                 ? 
_diffrn.ambient_pressure_esd             ? 
_diffrn.ambient_pressure_gt              ? 
_diffrn.ambient_pressure_lt              ? 
_diffrn.ambient_temp_gt                  ? 
_diffrn.ambient_temp_lt                  ? 
_diffrn.pdbx_serial_crystal_experiment   N 
# 
_diffrn_detector.details                      ? 
_diffrn_detector.detector                     PIXEL 
_diffrn_detector.diffrn_id                    1 
_diffrn_detector.type                         'DECTRIS EIGER X 9M' 
_diffrn_detector.area_resol_mean              ? 
_diffrn_detector.dtime                        ? 
_diffrn_detector.pdbx_frames_total            ? 
_diffrn_detector.pdbx_collection_time_total   ? 
_diffrn_detector.pdbx_collection_date         2022-05-16 
_diffrn_detector.pdbx_frequency               ? 
_diffrn_detector.id                           ? 
_diffrn_detector.number_of_axes               ? 
# 
_diffrn_radiation.collimation                      ? 
_diffrn_radiation.diffrn_id                        1 
_diffrn_radiation.filter_edge                      ? 
_diffrn_radiation.inhomogeneity                    ? 
_diffrn_radiation.monochromator                    ? 
_diffrn_radiation.polarisn_norm                    ? 
_diffrn_radiation.polarisn_ratio                   ? 
_diffrn_radiation.probe                            ? 
_diffrn_radiation.type                             ? 
_diffrn_radiation.xray_symbol                      ? 
_diffrn_radiation.wavelength_id                    1 
_diffrn_radiation.pdbx_monochromatic_or_laue_m_l   M 
_diffrn_radiation.pdbx_wavelength_list             ? 
_diffrn_radiation.pdbx_wavelength                  ? 
_diffrn_radiation.pdbx_diffrn_protocol             'SINGLE WAVELENGTH' 
_diffrn_radiation.pdbx_analyzer                    ? 
_diffrn_radiation.pdbx_scattering_type             x-ray 
# 
_diffrn_radiation_wavelength.id           1 
_diffrn_radiation_wavelength.wavelength   0.619920 
_diffrn_radiation_wavelength.wt           1.0 
# 
_diffrn_source.current                     ? 
_diffrn_source.details                     ? 
_diffrn_source.diffrn_id                   1 
_diffrn_source.power                       ? 
_diffrn_source.size                        ? 
_diffrn_source.source                      SYNCHROTRON 
_diffrn_source.target                      ? 
_diffrn_source.type                        'APS BEAMLINE 21-ID-D' 
_diffrn_source.voltage                     ? 
_diffrn_source.take-off_angle              ? 
_diffrn_source.pdbx_wavelength_list        0.619920 
_diffrn_source.pdbx_wavelength             ? 
_diffrn_source.pdbx_synchrotron_beamline   21-ID-D 
_diffrn_source.pdbx_synchrotron_site       APS 
# 
_reflns.B_iso_Wilson_estimate                          7.18 
_reflns.entry_id                                       8GD6 
_reflns.data_reduction_details                         ? 
_reflns.data_reduction_method                          ? 
_reflns.d_resolution_high                              0.91 
_reflns.d_resolution_low                               27.32 
_reflns.details                                        ? 
_reflns.limit_h_max                                    ? 
_reflns.limit_h_min                                    ? 
_reflns.limit_k_max                                    ? 
_reflns.limit_k_min                                    ? 
_reflns.limit_l_max                                    ? 
_reflns.limit_l_min                                    ? 
_reflns.number_all                                     ? 
_reflns.number_obs                                     10096 
_reflns.observed_criterion                             ? 
_reflns.observed_criterion_F_max                       ? 
_reflns.observed_criterion_F_min                       ? 
_reflns.observed_criterion_I_max                       ? 
_reflns.observed_criterion_I_min                       ? 
_reflns.observed_criterion_sigma_F                     ? 
_reflns.observed_criterion_sigma_I                     ? 
_reflns.percent_possible_obs                           94.25 
_reflns.R_free_details                                 ? 
_reflns.Rmerge_F_all                                   ? 
_reflns.Rmerge_F_obs                                   ? 
_reflns.Friedel_coverage                               ? 
_reflns.number_gt                                      ? 
_reflns.threshold_expression                           ? 
_reflns.pdbx_redundancy                                3.2 
_reflns.pdbx_netI_over_av_sigmaI                       ? 
_reflns.pdbx_netI_over_sigmaI                          8.53 
_reflns.pdbx_res_netI_over_av_sigmaI_2                 ? 
_reflns.pdbx_res_netI_over_sigmaI_2                    ? 
_reflns.pdbx_chi_squared                               ? 
_reflns.pdbx_scaling_rejects                           ? 
_reflns.pdbx_d_res_high_opt                            ? 
_reflns.pdbx_d_res_low_opt                             ? 
_reflns.pdbx_d_res_opt_method                          ? 
_reflns.phase_calculation_details                      ? 
_reflns.pdbx_Rrim_I_all                                ? 
_reflns.pdbx_Rpim_I_all                                ? 
_reflns.pdbx_d_opt                                     ? 
_reflns.pdbx_number_measured_all                       ? 
_reflns.pdbx_diffrn_id                                 1 
_reflns.pdbx_ordinal                                   1 
_reflns.pdbx_CC_half                                   ? 
_reflns.pdbx_CC_star                                   ? 
_reflns.pdbx_R_split                                   ? 
_reflns.pdbx_Rmerge_I_obs                              0.2199 
_reflns.pdbx_Rmerge_I_all                              ? 
_reflns.pdbx_Rsym_value                                ? 
_reflns.pdbx_CC_split_method                           ? 
_reflns.pdbx_aniso_diffraction_limit_axis_1_ortho[1]   ? 
_reflns.pdbx_aniso_diffraction_limit_axis_1_ortho[2]   ? 
_reflns.pdbx_aniso_diffraction_limit_axis_1_ortho[3]   ? 
_reflns.pdbx_aniso_diffraction_limit_axis_2_ortho[1]   ? 
_reflns.pdbx_aniso_diffraction_limit_axis_2_ortho[2]   ? 
_reflns.pdbx_aniso_diffraction_limit_axis_2_ortho[3]   ? 
_reflns.pdbx_aniso_diffraction_limit_axis_3_ortho[1]   ? 
_reflns.pdbx_aniso_diffraction_limit_axis_3_ortho[2]   ? 
_reflns.pdbx_aniso_diffraction_limit_axis_3_ortho[3]   ? 
_reflns.pdbx_aniso_diffraction_limit_1                 ? 
_reflns.pdbx_aniso_diffraction_limit_2                 ? 
_reflns.pdbx_aniso_diffraction_limit_3                 ? 
_reflns.pdbx_aniso_B_tensor_eigenvector_1_ortho[1]     ? 
_reflns.pdbx_aniso_B_tensor_eigenvector_1_ortho[2]     ? 
_reflns.pdbx_aniso_B_tensor_eigenvector_1_ortho[3]     ? 
_reflns.pdbx_aniso_B_tensor_eigenvector_2_ortho[1]     ? 
_reflns.pdbx_aniso_B_tensor_eigenvector_2_ortho[2]     ? 
_reflns.pdbx_aniso_B_tensor_eigenvector_2_ortho[3]     ? 
_reflns.pdbx_aniso_B_tensor_eigenvector_3_ortho[1]     ? 
_reflns.pdbx_aniso_B_tensor_eigenvector_3_ortho[2]     ? 
_reflns.pdbx_aniso_B_tensor_eigenvector_3_ortho[3]     ? 
_reflns.pdbx_aniso_B_tensor_eigenvalue_1               ? 
_reflns.pdbx_aniso_B_tensor_eigenvalue_2               ? 
_reflns.pdbx_aniso_B_tensor_eigenvalue_3               ? 
_reflns.pdbx_orthogonalization_convention              ? 
_reflns.pdbx_percent_possible_ellipsoidal              ? 
_reflns.pdbx_percent_possible_spherical                ? 
_reflns.pdbx_percent_possible_ellipsoidal_anomalous    ? 
_reflns.pdbx_percent_possible_spherical_anomalous      ? 
_reflns.pdbx_redundancy_anomalous                      ? 
_reflns.pdbx_CC_half_anomalous                         ? 
_reflns.pdbx_absDiff_over_sigma_anomalous              ? 
_reflns.pdbx_percent_possible_anomalous                ? 
_reflns.pdbx_observed_signal_threshold                 ? 
_reflns.pdbx_signal_type                               ? 
_reflns.pdbx_signal_details                            ? 
_reflns.pdbx_signal_software_id                        ? 
# 
_reflns_shell.d_res_high                                    0.91 
_reflns_shell.d_res_low                                     0.9426 
_reflns_shell.meanI_over_sigI_all                           ? 
_reflns_shell.meanI_over_sigI_obs                           ? 
_reflns_shell.number_measured_all                           ? 
_reflns_shell.number_measured_obs                           ? 
_reflns_shell.number_possible                               ? 
_reflns_shell.number_unique_all                             ? 
_reflns_shell.number_unique_obs                             561 
_reflns_shell.percent_possible_obs                          ? 
_reflns_shell.Rmerge_F_all                                  ? 
_reflns_shell.Rmerge_F_obs                                  ? 
_reflns_shell.meanI_over_sigI_gt                            ? 
_reflns_shell.meanI_over_uI_all                             ? 
_reflns_shell.meanI_over_uI_gt                              ? 
_reflns_shell.number_measured_gt                            ? 
_reflns_shell.number_unique_gt                              ? 
_reflns_shell.percent_possible_gt                           ? 
_reflns_shell.Rmerge_F_gt                                   ? 
_reflns_shell.Rmerge_I_gt                                   ? 
_reflns_shell.pdbx_redundancy                               ? 
_reflns_shell.pdbx_chi_squared                              ? 
_reflns_shell.pdbx_netI_over_sigmaI_all                     ? 
_reflns_shell.pdbx_netI_over_sigmaI_obs                     ? 
_reflns_shell.pdbx_Rrim_I_all                               ? 
_reflns_shell.pdbx_Rpim_I_all                               ? 
_reflns_shell.pdbx_rejects                                  ? 
_reflns_shell.pdbx_ordinal                                  1 
_reflns_shell.pdbx_diffrn_id                                1 
_reflns_shell.pdbx_CC_half                                  ? 
_reflns_shell.pdbx_CC_star                                  ? 
_reflns_shell.pdbx_R_split                                  ? 
_reflns_shell.percent_possible_all                          ? 
_reflns_shell.Rmerge_I_all                                  ? 
_reflns_shell.Rmerge_I_obs                                  0.6233 
_reflns_shell.pdbx_Rsym_value                               ? 
_reflns_shell.pdbx_percent_possible_ellipsoidal             ? 
_reflns_shell.pdbx_percent_possible_spherical               ? 
_reflns_shell.pdbx_percent_possible_ellipsoidal_anomalous   ? 
_reflns_shell.pdbx_percent_possible_spherical_anomalous     ? 
_reflns_shell.pdbx_redundancy_anomalous                     ? 
_reflns_shell.pdbx_CC_half_anomalous                        ? 
_reflns_shell.pdbx_absDiff_over_sigma_anomalous             ? 
_reflns_shell.pdbx_percent_possible_anomalous               ? 
# 
_refine.aniso_B[1][1]                            ? 
_refine.aniso_B[1][2]                            ? 
_refine.aniso_B[1][3]                            ? 
_refine.aniso_B[2][2]                            ? 
_refine.aniso_B[2][3]                            ? 
_refine.aniso_B[3][3]                            ? 
_refine.B_iso_max                                ? 
_refine.B_iso_mean                               11.44 
_refine.B_iso_min                                ? 
_refine.correlation_coeff_Fo_to_Fc               ? 
_refine.correlation_coeff_Fo_to_Fc_free          ? 
_refine.details                                  ? 
_refine.diff_density_max                         ? 
_refine.diff_density_max_esd                     ? 
_refine.diff_density_min                         ? 
_refine.diff_density_min_esd                     ? 
_refine.diff_density_rms                         ? 
_refine.diff_density_rms_esd                     ? 
_refine.entry_id                                 8GD6 
_refine.pdbx_refine_id                           'X-RAY DIFFRACTION' 
_refine.ls_abs_structure_details                 ? 
_refine.ls_abs_structure_Flack                   ? 
_refine.ls_abs_structure_Flack_esd               ? 
_refine.ls_abs_structure_Rogers                  ? 
_refine.ls_abs_structure_Rogers_esd              ? 
_refine.ls_d_res_high                            0.91 
_refine.ls_d_res_low                             27.32 
_refine.ls_extinction_coef                       ? 
_refine.ls_extinction_coef_esd                   ? 
_refine.ls_extinction_expression                 ? 
_refine.ls_extinction_method                     ? 
_refine.ls_goodness_of_fit_all                   ? 
_refine.ls_goodness_of_fit_all_esd               ? 
_refine.ls_goodness_of_fit_obs                   ? 
_refine.ls_goodness_of_fit_obs_esd               ? 
_refine.ls_hydrogen_treatment                    ? 
_refine.ls_matrix_type                           ? 
_refine.ls_number_constraints                    ? 
_refine.ls_number_parameters                     ? 
_refine.ls_number_reflns_all                     ? 
_refine.ls_number_reflns_obs                     10096 
_refine.ls_number_reflns_R_free                  1019 
_refine.ls_number_reflns_R_work                  9077 
_refine.ls_number_restraints                     ? 
_refine.ls_percent_reflns_obs                    87.38 
_refine.ls_percent_reflns_R_free                 10.09 
_refine.ls_R_factor_all                          ? 
_refine.ls_R_factor_obs                          0.2149 
_refine.ls_R_factor_R_free                       0.2365 
_refine.ls_R_factor_R_free_error                 ? 
_refine.ls_R_factor_R_free_error_details         ? 
_refine.ls_R_factor_R_work                       0.2127 
_refine.ls_R_Fsqd_factor_obs                     ? 
_refine.ls_R_I_factor_obs                        ? 
_refine.ls_redundancy_reflns_all                 ? 
_refine.ls_redundancy_reflns_obs                 ? 
_refine.ls_restrained_S_all                      ? 
_refine.ls_restrained_S_obs                      ? 
_refine.ls_shift_over_esd_max                    ? 
_refine.ls_shift_over_esd_mean                   ? 
_refine.ls_structure_factor_coef                 ? 
_refine.ls_weighting_details                     ? 
_refine.ls_weighting_scheme                      ? 
_refine.ls_wR_factor_all                         ? 
_refine.ls_wR_factor_obs                         ? 
_refine.ls_wR_factor_R_free                      ? 
_refine.ls_wR_factor_R_work                      ? 
_refine.occupancy_max                            ? 
_refine.occupancy_min                            ? 
_refine.solvent_model_details                    'FLAT BULK SOLVENT MODEL' 
_refine.solvent_model_param_bsol                 ? 
_refine.solvent_model_param_ksol                 ? 
_refine.pdbx_R_complete                          ? 
_refine.ls_R_factor_gt                           ? 
_refine.ls_goodness_of_fit_gt                    ? 
_refine.ls_goodness_of_fit_ref                   ? 
_refine.ls_shift_over_su_max                     ? 
_refine.ls_shift_over_su_max_lt                  ? 
_refine.ls_shift_over_su_mean                    ? 
_refine.ls_shift_over_su_mean_lt                 ? 
_refine.pdbx_ls_sigma_I                          ? 
_refine.pdbx_ls_sigma_F                          1.35 
_refine.pdbx_ls_sigma_Fsqd                       ? 
_refine.pdbx_data_cutoff_high_absF               ? 
_refine.pdbx_data_cutoff_high_rms_absF           ? 
_refine.pdbx_data_cutoff_low_absF                ? 
_refine.pdbx_isotropic_thermal_model             ? 
_refine.pdbx_ls_cross_valid_method               'FREE R-VALUE' 
_refine.pdbx_method_to_determine_struct          'MOLECULAR REPLACEMENT' 
_refine.pdbx_starting_model                      ? 
_refine.pdbx_stereochemistry_target_values       'GeoStd + Monomer Library + CDL v1.2' 
_refine.pdbx_R_Free_selection_details            ? 
_refine.pdbx_stereochem_target_val_spec_case     ? 
_refine.pdbx_overall_ESU_R                       ? 
_refine.pdbx_overall_ESU_R_Free                  ? 
_refine.pdbx_solvent_vdw_probe_radii             1.1100 
_refine.pdbx_solvent_ion_probe_radii             ? 
_refine.pdbx_solvent_shrinkage_radii             0.9000 
_refine.pdbx_real_space_R                        ? 
_refine.pdbx_density_correlation                 ? 
_refine.pdbx_pd_number_of_powder_patterns        ? 
_refine.pdbx_pd_number_of_points                 ? 
_refine.pdbx_pd_meas_number_of_points            ? 
_refine.pdbx_pd_proc_ls_prof_R_factor            ? 
_refine.pdbx_pd_proc_ls_prof_wR_factor           ? 
_refine.pdbx_pd_Marquardt_correlation_coeff      ? 
_refine.pdbx_pd_Fsqrd_R_factor                   ? 
_refine.pdbx_pd_ls_matrix_band_width             ? 
_refine.pdbx_overall_phase_error                 33.7528 
_refine.pdbx_overall_SU_R_free_Cruickshank_DPI   ? 
_refine.pdbx_overall_SU_R_free_Blow_DPI          ? 
_refine.pdbx_overall_SU_R_Blow_DPI               ? 
_refine.pdbx_TLS_residual_ADP_flag               ? 
_refine.pdbx_diffrn_id                           1 
_refine.overall_SU_B                             ? 
_refine.overall_SU_ML                            0.1185 
_refine.overall_SU_R_Cruickshank_DPI             ? 
_refine.overall_SU_R_free                        ? 
_refine.overall_FOM_free_R_set                   ? 
_refine.overall_FOM_work_R_set                   ? 
_refine.pdbx_average_fsc_overall                 ? 
_refine.pdbx_average_fsc_work                    ? 
_refine.pdbx_average_fsc_free                    ? 
# 
_refine_hist.pdbx_refine_id                   'X-RAY DIFFRACTION' 
_refine_hist.cycle_id                         LAST 
_refine_hist.details                          ? 
_refine_hist.d_res_high                       0.91 
_refine_hist.d_res_low                        27.32 
_refine_hist.number_atoms_solvent             1 
_refine_hist.number_atoms_total               87 
_refine_hist.number_reflns_all                ? 
_refine_hist.number_reflns_obs                ? 
_refine_hist.number_reflns_R_free             ? 
_refine_hist.number_reflns_R_work             ? 
_refine_hist.R_factor_all                     ? 
_refine_hist.R_factor_obs                     ? 
_refine_hist.R_factor_R_free                  ? 
_refine_hist.R_factor_R_work                  ? 
_refine_hist.pdbx_number_residues_total       ? 
_refine_hist.pdbx_B_iso_mean_ligand           ? 
_refine_hist.pdbx_B_iso_mean_solvent          ? 
_refine_hist.pdbx_number_atoms_protein        59 
_refine_hist.pdbx_number_atoms_nucleic_acid   0 
_refine_hist.pdbx_number_atoms_ligand         27 
_refine_hist.pdbx_number_atoms_lipid          ? 
_refine_hist.pdbx_number_atoms_carb           ? 
_refine_hist.pdbx_pseudo_atom_details         ? 
# 
loop_
_refine_ls_restr.pdbx_refine_id 
_refine_ls_restr.criterion 
_refine_ls_restr.dev_ideal 
_refine_ls_restr.dev_ideal_target 
_refine_ls_restr.number 
_refine_ls_restr.rejects 
_refine_ls_restr.type 
_refine_ls_restr.weight 
_refine_ls_restr.pdbx_restraint_function 
'X-RAY DIFFRACTION' ? 0.0085  ? 93  ? f_bond_d           ? ? 
'X-RAY DIFFRACTION' ? 1.7934  ? 132 ? f_angle_d          ? ? 
'X-RAY DIFFRACTION' ? 0.0497  ? 9   ? f_chiral_restr     ? ? 
'X-RAY DIFFRACTION' ? 0.0056  ? 15  ? f_plane_restr      ? ? 
'X-RAY DIFFRACTION' ? 35.8564 ? 17  ? f_dihedral_angle_d ? ? 
# 
loop_
_refine_ls_shell.pdbx_refine_id 
_refine_ls_shell.d_res_high 
_refine_ls_shell.d_res_low 
_refine_ls_shell.number_reflns_all 
_refine_ls_shell.number_reflns_obs 
_refine_ls_shell.number_reflns_R_free 
_refine_ls_shell.number_reflns_R_work 
_refine_ls_shell.percent_reflns_obs 
_refine_ls_shell.percent_reflns_R_free 
_refine_ls_shell.R_factor_all 
_refine_ls_shell.R_factor_obs 
_refine_ls_shell.R_factor_R_free_error 
_refine_ls_shell.R_factor_R_work 
_refine_ls_shell.redundancy_reflns_all 
_refine_ls_shell.redundancy_reflns_obs 
_refine_ls_shell.wR_factor_all 
_refine_ls_shell.wR_factor_obs 
_refine_ls_shell.wR_factor_R_free 
_refine_ls_shell.wR_factor_R_work 
_refine_ls_shell.pdbx_R_complete 
_refine_ls_shell.pdbx_total_number_of_bins_used 
_refine_ls_shell.pdbx_phase_error 
_refine_ls_shell.pdbx_fsc_work 
_refine_ls_shell.pdbx_fsc_free 
_refine_ls_shell.R_factor_R_free 
'X-RAY DIFFRACTION' 0.91 0.96  . . 144 1290 86.02 . . . . 0.3585 . . . . . . . . . . . 0.3774 
'X-RAY DIFFRACTION' 0.96 1.02  . . 141 1279 85.65 . . . . 0.2944 . . . . . . . . . . . 0.3073 
'X-RAY DIFFRACTION' 1.02 1.10  . . 146 1302 89.22 . . . . 0.2471 . . . . . . . . . . . 0.2566 
'X-RAY DIFFRACTION' 1.10 1.21  . . 151 1306 88.84 . . . . 0.2219 . . . . . . . . . . . 0.2498 
'X-RAY DIFFRACTION' 1.21 1.38  . . 154 1343 89.69 . . . . 0.2206 . . . . . . . . . . . 0.2601 
'X-RAY DIFFRACTION' 1.38 1.74  . . 143 1322 89.00 . . . . 0.2136 . . . . . . . . . . . 0.1985 
'X-RAY DIFFRACTION' 1.74 27.32 . . 140 1235 83.28 . . . . 0.1814 . . . . . . . . . . . 0.2208 
# 
_struct.entry_id                     8GD6 
_struct.title                        'Porous framework formed by assembly of a bipyridyl-conjugated helical peptide' 
_struct.pdbx_model_details           ? 
_struct.pdbx_formula_weight          ? 
_struct.pdbx_formula_weight_method   ? 
_struct.pdbx_model_type_details      ? 
_struct.pdbx_CASP_flag               N 
# 
_struct_keywords.entry_id        8GD6 
_struct_keywords.text            'DE NOVO PROTEIN' 
_struct_keywords.pdbx_keywords   'DE NOVO PROTEIN' 
# 
loop_
_struct_asym.id 
_struct_asym.pdbx_blank_PDB_chainid_flag 
_struct_asym.pdbx_modified 
_struct_asym.entity_id 
_struct_asym.details 
A N N 1 ? 
B N N 2 ? 
# 
_struct_ref.id                         1 
_struct_ref.db_name                    PDB 
_struct_ref.db_code                    8GD6 
_struct_ref.pdbx_db_accession          8GD6 
_struct_ref.pdbx_db_isoform            ? 
_struct_ref.entity_id                  1 
_struct_ref.pdbx_seq_one_letter_code   ? 
_struct_ref.pdbx_align_begin           1 
# 
_struct_ref_seq.align_id                      1 
_struct_ref_seq.ref_id                        1 
_struct_ref_seq.pdbx_PDB_id_code              8GD6 
_struct_ref_seq.pdbx_strand_id                A 
_struct_ref_seq.seq_align_beg                 1 
_struct_ref_seq.pdbx_seq_align_beg_ins_code   ? 
_struct_ref_seq.seq_align_end                 11 
_struct_ref_seq.pdbx_seq_align_end_ins_code   ? 
_struct_ref_seq.pdbx_db_accession             8GD6 
_struct_ref_seq.db_align_beg                  1 
_struct_ref_seq.pdbx_db_align_beg_ins_code    ? 
_struct_ref_seq.db_align_end                  11 
_struct_ref_seq.pdbx_db_align_end_ins_code    ? 
_struct_ref_seq.pdbx_auth_seq_align_beg       1 
_struct_ref_seq.pdbx_auth_seq_align_end       11 
# 
_pdbx_struct_assembly.id                   1 
_pdbx_struct_assembly.details              author_defined_assembly 
_pdbx_struct_assembly.method_details       ? 
_pdbx_struct_assembly.oligomeric_details   monomeric 
_pdbx_struct_assembly.oligomeric_count     1 
# 
_pdbx_struct_assembly_gen.assembly_id       1 
_pdbx_struct_assembly_gen.oper_expression   1 
_pdbx_struct_assembly_gen.asym_id_list      A,B 
# 
_pdbx_struct_assembly_auth_evidence.id                     1 
_pdbx_struct_assembly_auth_evidence.assembly_id            1 
_pdbx_struct_assembly_auth_evidence.experimental_support   none 
_pdbx_struct_assembly_auth_evidence.details                ? 
# 
_pdbx_struct_oper_list.id                   1 
_pdbx_struct_oper_list.type                 'identity operation' 
_pdbx_struct_oper_list.name                 1_555 
_pdbx_struct_oper_list.symmetry_operation   x,y,z 
_pdbx_struct_oper_list.matrix[1][1]         1.0000000000 
_pdbx_struct_oper_list.matrix[1][2]         0.0000000000 
_pdbx_struct_oper_list.matrix[1][3]         0.0000000000 
_pdbx_struct_oper_list.vector[1]            0.0000000000 
_pdbx_struct_oper_list.matrix[2][1]         0.0000000000 
_pdbx_struct_oper_list.matrix[2][2]         1.0000000000 
_pdbx_struct_oper_list.matrix[2][3]         0.0000000000 
_pdbx_struct_oper_list.vector[2]            0.0000000000 
_pdbx_struct_oper_list.matrix[3][1]         0.0000000000 
_pdbx_struct_oper_list.matrix[3][2]         0.0000000000 
_pdbx_struct_oper_list.matrix[3][3]         1.0000000000 
_pdbx_struct_oper_list.vector[3]            0.0000000000 
# 
_struct_conf.conf_type_id            HELX_P 
_struct_conf.id                      HELX_P1 
_struct_conf.pdbx_PDB_helix_id       AA1 
_struct_conf.beg_label_comp_id       AIB 
_struct_conf.beg_label_asym_id       A 
_struct_conf.beg_label_seq_id        3 
_struct_conf.pdbx_beg_PDB_ins_code   ? 
_struct_conf.end_label_comp_id       LEU 
_struct_conf.end_label_asym_id       A 
_struct_conf.end_label_seq_id        10 
_struct_conf.pdbx_end_PDB_ins_code   ? 
_struct_conf.beg_auth_comp_id        AIB 
_struct_conf.beg_auth_asym_id        A 
_struct_conf.beg_auth_seq_id         3 
_struct_conf.end_auth_comp_id        LEU 
_struct_conf.end_auth_asym_id        A 
_struct_conf.end_auth_seq_id         10 
_struct_conf.pdbx_PDB_helix_class    1 
_struct_conf.details                 ? 
_struct_conf.pdbx_PDB_helix_length   8 
# 
_struct_conf_type.id          HELX_P 
_struct_conf_type.criteria    ? 
_struct_conf_type.reference   ? 
# 
loop_
_struct_conn.id 
_struct_conn.conn_type_id 
_struct_conn.pdbx_leaving_atom_flag 
_struct_conn.pdbx_PDB_id 
_struct_conn.ptnr1_label_asym_id 
_struct_conn.ptnr1_label_comp_id 
_struct_conn.ptnr1_label_seq_id 
_struct_conn.ptnr1_label_atom_id 
_struct_conn.pdbx_ptnr1_label_alt_id 
_struct_conn.pdbx_ptnr1_PDB_ins_code 
_struct_conn.pdbx_ptnr1_standard_comp_id 
_struct_conn.ptnr1_symmetry 
_struct_conn.ptnr2_label_asym_id 
_struct_conn.ptnr2_label_comp_id 
_struct_conn.ptnr2_label_seq_id 
_struct_conn.ptnr2_label_atom_id 
_struct_conn.pdbx_ptnr2_label_alt_id 
_struct_conn.pdbx_ptnr2_PDB_ins_code 
_struct_conn.ptnr1_auth_asym_id 
_struct_conn.ptnr1_auth_comp_id 
_struct_conn.ptnr1_auth_seq_id 
_struct_conn.ptnr2_auth_asym_id 
_struct_conn.ptnr2_auth_comp_id 
_struct_conn.ptnr2_auth_seq_id 
_struct_conn.ptnr2_symmetry 
_struct_conn.pdbx_ptnr3_label_atom_id 
_struct_conn.pdbx_ptnr3_label_seq_id 
_struct_conn.pdbx_ptnr3_label_comp_id 
_struct_conn.pdbx_ptnr3_label_asym_id 
_struct_conn.pdbx_ptnr3_label_alt_id 
_struct_conn.pdbx_ptnr3_PDB_ins_code 
_struct_conn.details 
_struct_conn.pdbx_dist_value 
_struct_conn.pdbx_value_order 
_struct_conn.pdbx_role 
covale1  covale one  ? A NIO 1  C6 ? ? ? 1_555 A LEU 2  N   ? ? A NIO 1  A LEU 2  1_555 ? ? ? ? ? ? ? 1.421 ? ? 
covale2  covale both ? A LEU 2  C  ? ? ? 1_555 A AIB 3  N   A ? A LEU 2  A AIB 3  1_555 ? ? ? ? ? ? ? 1.335 ? ? 
covale3  covale both ? A AIB 3  C  A ? ? 1_555 A ALA 4  N   ? ? A AIB 3  A ALA 4  1_555 ? ? ? ? ? ? ? 1.332 ? ? 
covale4  covale both ? A ALA 4  C  ? ? ? 1_555 A AIB 5  N   ? ? A ALA 4  A AIB 5  1_555 ? ? ? ? ? ? ? 1.330 ? ? 
covale5  covale both ? A AIB 5  C  ? ? ? 1_555 A LEU 6  N   ? ? A AIB 5  A LEU 6  1_555 ? ? ? ? ? ? ? 1.331 ? ? 
covale6  covale both ? A LEU 6  C  ? ? ? 1_555 A AIB 7  N   ? ? A LEU 6  A AIB 7  1_555 ? ? ? ? ? ? ? 1.326 ? ? 
covale7  covale both ? A AIB 7  C  ? ? ? 1_555 A CYS 8  N   A ? A AIB 7  A CYS 8  1_555 ? ? ? ? ? ? ? 1.329 ? ? 
covale8  covale both ? A AIB 7  C  ? ? ? 1_555 A CYS 8  N   B ? A AIB 7  A CYS 8  1_555 ? ? ? ? ? ? ? 1.328 ? ? 
covale9  covale both ? A CYS 8  C  A ? ? 1_555 A AIB 9  N   ? ? A CYS 8  A AIB 9  1_555 ? ? ? ? ? ? ? 1.328 ? ? 
covale10 covale both ? A CYS 8  C  B ? ? 1_555 A AIB 9  N   ? ? A CYS 8  A AIB 9  1_555 ? ? ? ? ? ? ? 1.331 ? ? 
covale11 covale both ? A AIB 9  C  ? ? ? 1_555 A LEU 10 N   ? ? A AIB 9  A LEU 10 1_555 ? ? ? ? ? ? ? 1.340 ? ? 
covale12 covale one  ? A LEU 10 C  ? ? ? 1_555 A I77 11 N15 ? ? A LEU 10 A I77 11 1_555 ? ? ? ? ? ? ? 1.423 ? ? 
# 
_struct_conn_type.id          covale 
_struct_conn_type.criteria    ? 
_struct_conn_type.reference   ? 
# 
_pdbx_entry_details.entry_id                   8GD6 
_pdbx_entry_details.has_ligand_of_interest     N 
_pdbx_entry_details.compound_details           ? 
_pdbx_entry_details.source_details             ? 
_pdbx_entry_details.nonpolymer_details         ? 
_pdbx_entry_details.sequence_details           ? 
_pdbx_entry_details.has_protein_modification   ? 
# 
loop_
_space_group_symop.id 
_space_group_symop.operation_xyz 
1 x,y,z           
2 -x,y,-z         
3 x+1/2,y+1/2,z   
4 -x+1/2,y+1/2,-z 
# 
loop_
_chem_comp_atom.comp_id 
_chem_comp_atom.atom_id 
_chem_comp_atom.type_symbol 
_chem_comp_atom.pdbx_aromatic_flag 
_chem_comp_atom.pdbx_stereo_config 
_chem_comp_atom.pdbx_ordinal 
AIB N    N N N 1   
AIB CA   C N N 2   
AIB C    C N N 3   
AIB O    O N N 4   
AIB OXT  O N N 5   
AIB CB1  C N N 6   
AIB CB2  C N N 7   
AIB H    H N N 8   
AIB H2   H N N 9   
AIB HXT  H N N 10  
AIB HB11 H N N 11  
AIB HB12 H N N 12  
AIB HB13 H N N 13  
AIB HB21 H N N 14  
AIB HB22 H N N 15  
AIB HB23 H N N 16  
ALA N    N N N 17  
ALA CA   C N S 18  
ALA C    C N N 19  
ALA O    O N N 20  
ALA CB   C N N 21  
ALA OXT  O N N 22  
ALA H    H N N 23  
ALA H2   H N N 24  
ALA HA   H N N 25  
ALA HB1  H N N 26  
ALA HB2  H N N 27  
ALA HB3  H N N 28  
ALA HXT  H N N 29  
CYS N    N N N 30  
CYS CA   C N R 31  
CYS C    C N N 32  
CYS O    O N N 33  
CYS CB   C N N 34  
CYS SG   S N N 35  
CYS OXT  O N N 36  
CYS H    H N N 37  
CYS H2   H N N 38  
CYS HA   H N N 39  
CYS HB2  H N N 40  
CYS HB3  H N N 41  
CYS HG   H N N 42  
CYS HXT  H N N 43  
HOH O    O N N 44  
HOH H1   H N N 45  
HOH H2   H N N 46  
I77 C11  C Y N 47  
I77 C12  C Y N 48  
I77 C13  C N N 49  
I77 C17  C Y N 50  
I77 C18  C Y N 51  
I77 C02  C N N 52  
I77 C03  C Y N 53  
I77 C04  C Y N 54  
I77 C05  C Y N 55  
I77 C06  C Y N 56  
I77 C08  C Y N 57  
I77 C09  C Y N 58  
I77 N01  N N N 59  
I77 N07  N Y N 60  
I77 N10  N Y N 61  
I77 N14  N N N 62  
I77 N15  N N N 63  
I77 O16  O N N 64  
I77 O19  O N N 65  
I77 H111 H N N 66  
I77 H171 H N N 67  
I77 H181 H N N 68  
I77 H041 H N N 69  
I77 H051 H N N 70  
I77 H061 H N N 71  
I77 H011 H N N 72  
I77 H012 H N N 73  
I77 H141 H N N 74  
I77 H1   H N N 75  
I77 H2   H N N 76  
LEU N    N N N 77  
LEU CA   C N S 78  
LEU C    C N N 79  
LEU O    O N N 80  
LEU CB   C N N 81  
LEU CG   C N N 82  
LEU CD1  C N N 83  
LEU CD2  C N N 84  
LEU OXT  O N N 85  
LEU H    H N N 86  
LEU H2   H N N 87  
LEU HA   H N N 88  
LEU HB2  H N N 89  
LEU HB3  H N N 90  
LEU HG   H N N 91  
LEU HD11 H N N 92  
LEU HD12 H N N 93  
LEU HD13 H N N 94  
LEU HD21 H N N 95  
LEU HD22 H N N 96  
LEU HD23 H N N 97  
LEU HXT  H N N 98  
NIO N    N Y N 99  
NIO C1   C Y N 100 
NIO C2   C Y N 101 
NIO C3   C Y N 102 
NIO C4   C Y N 103 
NIO C5   C Y N 104 
NIO C6   C N N 105 
NIO O1   O N N 106 
NIO O2   O N N 107 
NIO H1   H N N 108 
NIO H3   H N N 109 
NIO H4   H N N 110 
NIO H5   H N N 111 
NIO HO2  H N N 112 
# 
loop_
_chem_comp_bond.comp_id 
_chem_comp_bond.atom_id_1 
_chem_comp_bond.atom_id_2 
_chem_comp_bond.value_order 
_chem_comp_bond.pdbx_aromatic_flag 
_chem_comp_bond.pdbx_stereo_config 
_chem_comp_bond.pdbx_ordinal 
AIB N   CA   sing N N 1   
AIB N   H    sing N N 2   
AIB N   H2   sing N N 3   
AIB CA  C    sing N N 4   
AIB CA  CB1  sing N N 5   
AIB CA  CB2  sing N N 6   
AIB C   O    doub N N 7   
AIB C   OXT  sing N N 8   
AIB OXT HXT  sing N N 9   
AIB CB1 HB11 sing N N 10  
AIB CB1 HB12 sing N N 11  
AIB CB1 HB13 sing N N 12  
AIB CB2 HB21 sing N N 13  
AIB CB2 HB22 sing N N 14  
AIB CB2 HB23 sing N N 15  
ALA N   CA   sing N N 16  
ALA N   H    sing N N 17  
ALA N   H2   sing N N 18  
ALA CA  C    sing N N 19  
ALA CA  CB   sing N N 20  
ALA CA  HA   sing N N 21  
ALA C   O    doub N N 22  
ALA C   OXT  sing N N 23  
ALA CB  HB1  sing N N 24  
ALA CB  HB2  sing N N 25  
ALA CB  HB3  sing N N 26  
ALA OXT HXT  sing N N 27  
CYS N   CA   sing N N 28  
CYS N   H    sing N N 29  
CYS N   H2   sing N N 30  
CYS CA  C    sing N N 31  
CYS CA  CB   sing N N 32  
CYS CA  HA   sing N N 33  
CYS C   O    doub N N 34  
CYS C   OXT  sing N N 35  
CYS CB  SG   sing N N 36  
CYS CB  HB2  sing N N 37  
CYS CB  HB3  sing N N 38  
CYS SG  HG   sing N N 39  
CYS OXT HXT  sing N N 40  
HOH O   H1   sing N N 41  
HOH O   H2   sing N N 42  
I77 N15 N14  sing N N 43  
I77 O16 C13  doub N N 44  
I77 N14 C13  sing N N 45  
I77 C13 C12  sing N N 46  
I77 C12 C17  doub Y N 47  
I77 C12 C11  sing Y N 48  
I77 C17 C18  sing Y N 49  
I77 C11 N10  doub Y N 50  
I77 C18 C09  doub Y N 51  
I77 N10 C09  sing Y N 52  
I77 C09 C08  sing N N 53  
I77 C08 N07  doub Y N 54  
I77 C08 C05  sing Y N 55  
I77 N07 C06  sing Y N 56  
I77 C05 C04  doub Y N 57  
I77 C06 C03  doub Y N 58  
I77 C04 C03  sing Y N 59  
I77 C03 C02  sing N N 60  
I77 C02 N01  sing N N 61  
I77 C02 O19  doub N N 62  
I77 C11 H111 sing N N 63  
I77 C17 H171 sing N N 64  
I77 C18 H181 sing N N 65  
I77 C04 H041 sing N N 66  
I77 C05 H051 sing N N 67  
I77 C06 H061 sing N N 68  
I77 N01 H011 sing N N 69  
I77 N01 H012 sing N N 70  
I77 N14 H141 sing N N 71  
I77 N15 H1   sing N N 72  
I77 N15 H2   sing N N 73  
LEU N   CA   sing N N 74  
LEU N   H    sing N N 75  
LEU N   H2   sing N N 76  
LEU CA  C    sing N N 77  
LEU CA  CB   sing N N 78  
LEU CA  HA   sing N N 79  
LEU C   O    doub N N 80  
LEU C   OXT  sing N N 81  
LEU CB  CG   sing N N 82  
LEU CB  HB2  sing N N 83  
LEU CB  HB3  sing N N 84  
LEU CG  CD1  sing N N 85  
LEU CG  CD2  sing N N 86  
LEU CG  HG   sing N N 87  
LEU CD1 HD11 sing N N 88  
LEU CD1 HD12 sing N N 89  
LEU CD1 HD13 sing N N 90  
LEU CD2 HD21 sing N N 91  
LEU CD2 HD22 sing N N 92  
LEU CD2 HD23 sing N N 93  
LEU OXT HXT  sing N N 94  
NIO N   C1   doub Y N 95  
NIO N   C5   sing Y N 96  
NIO C1  C2   sing Y N 97  
NIO C1  H1   sing N N 98  
NIO C2  C3   doub Y N 99  
NIO C2  C6   sing N N 100 
NIO C3  C4   sing Y N 101 
NIO C3  H3   sing N N 102 
NIO C4  C5   doub Y N 103 
NIO C4  H4   sing N N 104 
NIO C5  H5   sing N N 105 
NIO C6  O1   doub N N 106 
NIO C6  O2   sing N N 107 
NIO O2  HO2  sing N N 108 
# 
_pdbx_audit_support.funding_organization   'Other private' 
_pdbx_audit_support.country                ? 
_pdbx_audit_support.grant_number           ? 
_pdbx_audit_support.ordinal                1 
# 
_pdbx_initial_refinement_model.id               1 
_pdbx_initial_refinement_model.entity_id_list   ? 
_pdbx_initial_refinement_model.type             other 
_pdbx_initial_refinement_model.source_name      Other 
_pdbx_initial_refinement_model.accession_code   ? 
_pdbx_initial_refinement_model.details          model 
# 
_space_group.name_H-M_alt     'C 1 2 1' 
_space_group.name_Hall        'C 2y' 
_space_group.IT_number        5 
_space_group.crystal_system   monoclinic 
_space_group.id               1 
# 
_atom_sites.entry_id                    8GD6 
_atom_sites.Cartn_transf_matrix[1][1]   ? 
_atom_sites.Cartn_transf_matrix[1][2]   ? 
_atom_sites.Cartn_transf_matrix[1][3]   ? 
_atom_sites.Cartn_transf_matrix[2][1]   ? 
_atom_sites.Cartn_transf_matrix[2][2]   ? 
_atom_sites.Cartn_transf_matrix[2][3]   ? 
_atom_sites.Cartn_transf_matrix[3][1]   ? 
_atom_sites.Cartn_transf_matrix[3][2]   ? 
_atom_sites.Cartn_transf_matrix[3][3]   ? 
_atom_sites.Cartn_transf_vector[1]      ? 
_atom_sites.Cartn_transf_vector[2]      ? 
_atom_sites.Cartn_transf_vector[3]      ? 
_atom_sites.fract_transf_matrix[1][1]   -0.00044597 
_atom_sites.fract_transf_matrix[1][2]   0.01650188 
_atom_sites.fract_transf_matrix[1][3]   0.00790345 
_atom_sites.fract_transf_matrix[2][1]   -0.01801826 
_atom_sites.fract_transf_matrix[2][2]   0.04605074 
_atom_sites.fract_transf_matrix[2][3]   -0.09716768 
_atom_sites.fract_transf_matrix[3][1]   -0.05962752 
_atom_sites.fract_transf_matrix[3][2]   -0.00083331 
_atom_sites.fract_transf_matrix[3][3]   0.01066208 
_atom_sites.fract_transf_vector[1]      0.155673 
_atom_sites.fract_transf_vector[2]      0.254421 
_atom_sites.fract_transf_vector[3]      0.548542 
_atom_sites.solution_primary            ? 
_atom_sites.solution_secondary          ? 
_atom_sites.solution_hydrogens          ? 
_atom_sites.special_details             ? 
# 
loop_
_atom_type.symbol 
_atom_type.scat_dispersion_real 
_atom_type.scat_dispersion_imag 
_atom_type.scat_Cromer_Mann_a1 
_atom_type.scat_Cromer_Mann_a2 
_atom_type.scat_Cromer_Mann_a3 
_atom_type.scat_Cromer_Mann_a4 
_atom_type.scat_Cromer_Mann_b1 
_atom_type.scat_Cromer_Mann_b2 
_atom_type.scat_Cromer_Mann_b3 
_atom_type.scat_Cromer_Mann_b4 
_atom_type.scat_Cromer_Mann_c 
_atom_type.scat_source 
_atom_type.scat_dispersion_source 
C ? ? 2.51340 1.74867 1.72398 ? 31.80534 0.44561  10.58317 ? 0.0 
;3-Gaussian fit: Grosse-Kunstleve RW, Sauter NK, Adams PD: Newsletter of the IUCr Commission on Crystallographic Computing 2004, 3, 22-31.
;
? 
H ? ? 0.53795 0.34799 0.11320 ? 10.08003 29.74760 2.57510  ? 0.0 
;3-Gaussian fit: Grosse-Kunstleve RW, Sauter NK, Adams PD: Newsletter of the IUCr Commission on Crystallographic Computing 2004, 3, 22-31.
;
? 
N ? ? 2.99955 2.25584 1.72788 ? 23.27268 7.45433  0.31622  ? 0.0 
;3-Gaussian fit: Grosse-Kunstleve RW, Sauter NK, Adams PD: Newsletter of the IUCr Commission on Crystallographic Computing 2004, 3, 22-31.
;
? 
O ? ? 4.49882 3.47563 ?       ? 15.80542 1.70748  ?        ? 0.0 
;2-Gaussian fit: Grosse-Kunstleve RW, Sauter NK, Adams PD: Newsletter of the IUCr Commission on Crystallographic Computing 2004, 3, 22-31.
;
? 
S ? ? 9.55732 6.39887 ?       ? 1.23737  29.19336 ?        ? 0.0 
;2-Gaussian fit: Grosse-Kunstleve RW, Sauter NK, Adams PD: Newsletter of the IUCr Commission on Crystallographic Computing 2004, 3, 22-31.
;
? 
# 
loop_
_atom_site.group_PDB 
_atom_site.id 
_atom_site.type_symbol 
_atom_site.label_atom_id 
_atom_site.label_alt_id 
_atom_site.label_comp_id 
_atom_site.label_asym_id 
_atom_site.label_entity_id 
_atom_site.label_seq_id 
_atom_site.pdbx_PDB_ins_code 
_atom_site.Cartn_x 
_atom_site.Cartn_y 
_atom_site.Cartn_z 
_atom_site.occupancy 
_atom_site.B_iso_or_equiv 
_atom_site.pdbx_formal_charge 
_atom_site.auth_seq_id 
_atom_site.auth_comp_id 
_atom_site.auth_asym_id 
_atom_site.auth_atom_id 
_atom_site.pdbx_PDB_model_num 
HETATM 1   N N    . NIO A 1 1  ? -7.88660  -2.55159  -3.85415 1.000 15.76808 ? 1   NIO A N    1 
HETATM 2   C C1   . NIO A 1 1  ? -7.17183  -1.78387  -3.02334 1.000 14.15814 ? 1   NIO A C1   1 
HETATM 3   C C2   . NIO A 1 1  ? -7.73288  -0.98725  -2.03628 1.000 10.78721 ? 1   NIO A C2   1 
HETATM 4   C C3   . NIO A 1 1  ? -9.11392  -0.97759  -1.92570 1.000 12.36664 ? 1   NIO A C3   1 
HETATM 5   C C4   . NIO A 1 1  ? -9.86847  -1.75959  -2.77903 1.000 13.82822 ? 1   NIO A C4   1 
HETATM 6   C C5   . NIO A 1 1  ? -9.21450  -2.52808  -3.71842 1.000 14.70095 ? 1   NIO A C5   1 
HETATM 7   C C6   . NIO A 1 1  ? -6.87657  -0.15795  -1.15155 1.000 9.06237  ? 1   NIO A C6   1 
HETATM 8   O O1   . NIO A 1 1  ? -5.63800  -0.08926  -1.44461 1.000 9.28678  ? 1   NIO A O1   1 
HETATM 9   H H1   . NIO A 1 1  ? -6.24615  -1.78448  -3.11288 1.000 17.01265 ? 1   NIO A H1   1 
HETATM 10  H H3   . NIO A 1 1  ? -9.52938  -0.44941  -1.28280 1.000 14.86285 ? 1   NIO A H3   1 
HETATM 11  H H4   . NIO A 1 1  ? -10.79663 -1.76739  -2.72101 1.000 16.61676 ? 1   NIO A H4   1 
HETATM 12  H H5   . NIO A 1 1  ? -9.72507  -3.05779  -4.28730 1.000 17.66404 ? 1   NIO A H5   1 
ATOM   13  N N    . LEU A 1 2  ? -7.40710  0.62986   -0.09406 1.000 8.23349  ? 2   LEU A N    1 
ATOM   14  C CA   . LEU A 1 2  ? -6.52086  1.60522   0.50956  1.000 7.49641  ? 2   LEU A CA   1 
ATOM   15  C C    . LEU A 1 2  ? -5.42564  0.98757   1.38470  1.000 7.64842  ? 2   LEU A C    1 
ATOM   16  O O    . LEU A 1 2  ? -4.30468  1.49451   1.38067  1.000 7.73018  ? 2   LEU A O    1 
ATOM   17  C CB   . LEU A 1 2  ? -7.35339  2.62581   1.28497  1.000 7.75258  ? 2   LEU A CB   1 
ATOM   18  C CG   . LEU A 1 2  ? -8.30730  3.43609   0.40616  1.000 9.19027  ? 2   LEU A CG   1 
ATOM   19  C CD1  . LEU A 1 2  ? -9.23885  4.26630   1.25101  1.000 11.26514 ? 2   LEU A CD1  1 
ATOM   20  C CD2  . LEU A 1 2  ? -7.54037  4.30162   -0.56152 1.000 9.51540  ? 2   LEU A CD2  1 
ATOM   21  H HA   . LEU A 1 2  ? -6.03706  2.06258   -0.19589 1.000 9.01858  ? 2   LEU A HA   1 
ATOM   22  H HB2  . LEU A 1 2  ? -7.88542  2.15585   1.94602  1.000 9.32598  ? 2   LEU A HB2  1 
ATOM   23  H HB3  . LEU A 1 2  ? -6.75292  3.24835   1.72402  1.000 9.32598  ? 2   LEU A HB3  1 
ATOM   24  H HG   . LEU A 1 2  ? -8.84922  2.82216   -0.11375 1.000 11.05121 ? 2   LEU A HG   1 
ATOM   25  H HD11 . LEU A 1 2  ? -9.85095  4.74417   0.66977  1.000 13.54105 ? 2   LEU A HD11 1 
ATOM   26  H HD12 . LEU A 1 2  ? -9.73497  3.67995   1.84344  1.000 13.54105 ? 2   LEU A HD12 1 
ATOM   27  H HD13 . LEU A 1 2  ? -8.71626  4.89671   1.77100  1.000 13.54105 ? 2   LEU A HD13 1 
ATOM   28  H HD21 . LEU A 1 2  ? -8.15313  4.92557   -0.98118 1.000 11.44137 ? 2   LEU A HD21 1 
ATOM   29  H HD22 . LEU A 1 2  ? -6.85490  4.78695   -0.07625 1.000 11.44137 ? 2   LEU A HD22 1 
ATOM   30  H HD23 . LEU A 1 2  ? -7.13122  3.73615   -1.23512 1.000 11.44137 ? 2   LEU A HD23 1 
HETATM 31  N N    A AIB A 1 3  ? -5.73348  -0.06840  2.14061  1.000 7.40438  ? 3   AIB A N    1 
HETATM 32  C CA   A AIB A 1 3  ? -4.70185  -0.75772  2.90431  1.000 7.67434  ? 3   AIB A CA   1 
HETATM 33  C C    A AIB A 1 3  ? -3.56937  -1.26095  1.98930  1.000 8.00348  ? 3   AIB A C    1 
HETATM 34  O O    A AIB A 1 3  ? -2.37382  -1.11057  2.24216  1.000 8.05074  ? 3   AIB A O    1 
HETATM 35  C CB1  A AIB A 1 3  ? -4.11686  0.18062   3.98136  1.000 7.80886  ? 3   AIB A CB1  1 
HETATM 36  C CB2  A AIB A 1 3  ? -5.28668  -1.98747  3.60632  1.000 7.85853  ? 3   AIB A CB2  1 
HETATM 37  H H    A AIB A 1 3  ? -6.53066  -0.65739  2.00065  1.000 8.90815  ? 3   AIB A H    1 
HETATM 38  H HB11 A AIB A 1 3  ? -3.46487  -0.40235  4.67455  1.000 9.39353  ? 3   AIB A HB11 1 
HETATM 39  H HB12 A AIB A 1 3  ? -3.51170  0.98177   3.49413  1.000 9.39353  ? 3   AIB A HB12 1 
HETATM 40  H HB13 A AIB A 1 3  ? -4.94609  0.64883   4.56326  1.000 9.39353  ? 3   AIB A HB13 1 
HETATM 41  H HB21 A AIB A 1 3  ? -4.46992  -2.51823  4.15302  1.000 9.45313  ? 3   AIB A HB21 1 
HETATM 42  H HB22 A AIB A 1 3  ? -6.07334  -1.65643  4.32692  1.000 9.45313  ? 3   AIB A HB22 1 
HETATM 43  H HB23 A AIB A 1 3  ? -5.73450  -2.66613  2.84044  1.000 9.45313  ? 3   AIB A HB23 1 
ATOM   44  N N    . ALA A 1 4  ? -3.98372  -1.86460  0.87686  1.000 8.76642  ? 4   ALA A N    1 
ATOM   45  C CA   . ALA A 1 4  ? -3.04442  -2.40455  -0.10467 1.000 9.28511  ? 4   ALA A CA   1 
ATOM   46  C C    . ALA A 1 4  ? -2.24603  -1.28094  -0.74409 1.000 8.99535  ? 4   ALA A C    1 
ATOM   47  O O    . ALA A 1 4  ? -1.05874  -1.44111  -1.00537 1.000 9.14250  ? 4   ALA A O    1 
ATOM   48  C CB   . ALA A 1 4  ? -3.78103  -3.21018  -1.17709 1.000 10.55004 ? 4   ALA A CB   1 
ATOM   49  H H    . ALA A 1 4  ? -4.81001  -1.97507  0.66553  1.000 10.54259 ? 4   ALA A H    1 
ATOM   50  H HA   . ALA A 1 4  ? -2.43035  -3.00705  0.34343  1.000 11.16502 ? 4   ALA A HA   1 
ATOM   51  H HB1  . ALA A 1 4  ? -3.13534  -3.54873  -1.81689 1.000 12.68294 ? 4   ALA A HB1  1 
ATOM   52  H HB2  . ALA A 1 4  ? -4.24567  -3.94889  -0.75362 1.000 12.68294 ? 4   ALA A HB2  1 
ATOM   53  H HB3  . ALA A 1 4  ? -4.41814  -2.63170  -1.62468 1.000 12.68294 ? 4   ALA A HB3  1 
HETATM 54  N N    . AIB A 1 5  ? -2.89482  -0.15103  -1.01238 1.000 8.39816  ? 5   AIB A N    1 
HETATM 55  C CA   . AIB A 1 5  ? -2.21232  0.97794   -1.61358 1.000 8.26933  ? 5   AIB A CA   1 
HETATM 56  C C    . AIB A 1 5  ? -0.95228  1.36752   -0.81457 1.000 8.01620  ? 5   AIB A C    1 
HETATM 57  O O    . AIB A 1 5  ? 0.14040   1.58936   -1.31182 1.000 8.00378  ? 5   AIB A O    1 
HETATM 58  C CB1  . AIB A 1 5  ? -1.82242  0.64542   -3.06657 1.000 9.04884  ? 5   AIB A CB1  1 
HETATM 59  C CB2  . AIB A 1 5  ? -3.13053  2.21855   -1.63282 1.000 8.79463  ? 5   AIB A CB2  1 
HETATM 60  H H    . AIB A 1 5  ? -3.88329  -0.08408  -1.15543 1.000 10.10068 ? 5   AIB A H    1 
HETATM 61  H HB11 . AIB A 1 5  ? -1.16768  1.45185   -3.47453 1.000 10.88150 ? 5   AIB A HB11 1 
HETATM 62  H HB12 . AIB A 1 5  ? -1.27203  -0.32498  -3.09590 1.000 10.88150 ? 5   AIB A HB12 1 
HETATM 63  H HB13 . AIB A 1 5  ? -2.74180  0.56568   -3.69414 1.000 10.88150 ? 5   AIB A HB13 1 
HETATM 64  H HB21 . AIB A 1 5  ? -2.64333  3.02365   -2.23460 1.000 10.57644 ? 5   AIB A HB21 1 
HETATM 65  H HB22 . AIB A 1 5  ? -4.10979  1.94048   -2.09265 1.000 10.57644 ? 5   AIB A HB22 1 
HETATM 66  H HB23 . AIB A 1 5  ? -3.28944  2.57104   -0.58488 1.000 10.57644 ? 5   AIB A HB23 1 
ATOM   67  N N    . LEU A 1 6  ? -1.15846  1.43097   0.49932  1.000 7.64233  ? 6   LEU A N    1 
ATOM   68  C CA   . LEU A 1 6  ? -0.10616  1.77763   1.44016  1.000 7.57217  ? 6   LEU A CA   1 
ATOM   69  C C    . LEU A 1 6  ? 0.99707   0.71425   1.45541  1.000 7.32200  ? 6   LEU A C    1 
ATOM   70  O O    . LEU A 1 6  ? 2.18203   1.02629   1.33368  1.000 7.49621  ? 6   LEU A O    1 
ATOM   71  C CB   . LEU A 1 6  ? -0.74090  1.94069   2.82652  1.000 8.07330  ? 6   LEU A CB   1 
ATOM   72  C CG   . LEU A 1 6  ? 0.24364   2.19937   3.95646  1.000 8.87922  ? 6   LEU A CG   1 
ATOM   73  C CD1  . LEU A 1 6  ? 1.03100   3.48546   3.70290  1.000 9.01567  ? 6   LEU A CD1  1 
ATOM   74  C CD2  . LEU A 1 6  ? -0.49355  2.23717   5.29813  1.000 9.17069  ? 6   LEU A CD2  1 
ATOM   75  H H    . LEU A 1 6  ? -1.91594  1.27374   0.87496  1.000 9.19369  ? 6   LEU A H    1 
ATOM   76  H HA   . LEU A 1 6  ? 0.32199   2.61081   1.18838  1.000 9.10949  ? 6   LEU A HA   1 
ATOM   77  H HB2  . LEU A 1 6  ? -1.35424  2.69157   2.79642  1.000 9.71085  ? 6   LEU A HB2  1 
ATOM   78  H HB3  . LEU A 1 6  ? -1.22319  1.12674   3.04048  1.000 9.71085  ? 6   LEU A HB3  1 
ATOM   79  H HG   . LEU A 1 6  ? 0.88959   1.47694   3.99832  1.000 10.67796 ? 6   LEU A HG   1 
ATOM   80  H HD11 . LEU A 1 6  ? 1.54045   3.70589   4.49836  1.000 10.84170 ? 6   LEU A HD11 1 
ATOM   81  H HD12 . LEU A 1 6  ? 1.63125   3.34578   2.95383  1.000 10.84170 ? 6   LEU A HD12 1 
ATOM   82  H HD13 . LEU A 1 6  ? 0.40913   4.20153   3.49939  1.000 10.84170 ? 6   LEU A HD13 1 
ATOM   83  H HD21 . LEU A 1 6  ? 0.15288   2.36361   6.01020  1.000 11.02772 ? 6   LEU A HD21 1 
ATOM   84  H HD22 . LEU A 1 6  ? -1.12553  2.97300   5.29059  1.000 11.02772 ? 6   LEU A HD22 1 
ATOM   85  H HD23 . LEU A 1 6  ? -0.96410  1.39829   5.42366  1.000 11.02772 ? 6   LEU A HD23 1 
HETATM 86  N N    . AIB A 1 7  ? 0.59187   -0.53877  1.60678  1.000 7.40935  ? 7   AIB A N    1 
HETATM 87  C CA   . AIB A 1 7  ? 1.53419   -1.64390  1.63938  1.000 7.70062  ? 7   AIB A CA   1 
HETATM 88  C C    . AIB A 1 7  ? 2.43168   -1.65596  0.39480  1.000 7.66216  ? 7   AIB A C    1 
HETATM 89  O O    . AIB A 1 7  ? 3.64543   -1.82821  0.44710  1.000 8.00893  ? 7   AIB A O    1 
HETATM 90  C CB1  . AIB A 1 7  ? 2.41786   -1.63171  2.89804  1.000 7.59774  ? 7   AIB A CB1  1 
HETATM 91  C CB2  . AIB A 1 7  ? 0.75659   -2.96312  1.60716  1.000 8.25877  ? 7   AIB A CB2  1 
HETATM 92  H H    . AIB A 1 7  ? -0.32372  -0.86858  1.37246  1.000 8.91411  ? 7   AIB A H    1 
HETATM 93  H HB11 . AIB A 1 7  ? 2.77648   -2.66577  3.11618  1.000 9.14018  ? 7   AIB A HB11 1 
HETATM 94  H HB12 . AIB A 1 7  ? 3.29735   -0.96459  2.73401  1.000 9.14018  ? 7   AIB A HB12 1 
HETATM 95  H HB13 . AIB A 1 7  ? 1.82856   -1.25584  3.76804  1.000 9.14018  ? 7   AIB A HB13 1 
HETATM 96  H HB21 . AIB A 1 7  ? 1.48089   -3.81343  1.60099  1.000 9.93342  ? 7   AIB A HB21 1 
HETATM 97  H HB22 . AIB A 1 7  ? 0.10575   -3.02513  2.51284  1.000 9.93342  ? 7   AIB A HB22 1 
HETATM 98  H HB23 . AIB A 1 7  ? 0.12754   -2.99331  0.68462  1.000 9.93342  ? 7   AIB A HB23 1 
ATOM   99  N N    A CYS A 1 8  ? 1.80328   -1.46631  -0.76025 0.564 8.24701  ? 8   CYS A N    1 
ATOM   100 N N    B CYS A 1 8  ? 1.79882   -1.43828  -0.75187 0.436 6.96003  ? 8   CYS A N    1 
ATOM   101 C CA   A CYS A 1 8  ? 2.53728   -1.44932  -2.02189 0.564 8.92197  ? 8   CYS A CA   1 
ATOM   102 C CA   B CYS A 1 8  ? 2.50748   -1.46291  -2.02436 0.436 6.79445  ? 8   CYS A CA   1 
ATOM   103 C C    A CYS A 1 8  ? 3.53855   -0.29814  -2.03397 0.564 7.75762  ? 8   CYS A C    1 
ATOM   104 C C    B CYS A 1 8  ? 3.50007   -0.29481  -2.12228 0.436 6.69967  ? 8   CYS A C    1 
ATOM   105 O O    A CYS A 1 8  ? 4.73095   -0.49485  -2.25235 0.564 8.30040  ? 8   CYS A O    1 
ATOM   106 O O    B CYS A 1 8  ? 4.65193   -0.48077  -2.50737 0.436 6.40088  ? 8   CYS A O    1 
ATOM   107 C CB   A CYS A 1 8  ? 1.57821   -1.31328  -3.20251 0.564 11.02210 ? 8   CYS A CB   1 
ATOM   108 C CB   B CYS A 1 8  ? 1.50997   -1.41809  -3.17676 0.436 7.51672  ? 8   CYS A CB   1 
ATOM   109 S SG   A CYS A 1 8  ? 0.63498   -2.80016  -3.55276 0.564 14.20897 ? 8   CYS A SG   1 
ATOM   110 S SG   B CYS A 1 8  ? 2.29269   -1.45052  -4.78184 0.436 7.84639  ? 8   CYS A SG   1 
ATOM   111 H H    A CYS A 1 8  ? 0.95561   -1.34549  -0.84052 0.564 9.91930  ? 8   CYS A H    1 
ATOM   112 H H    B CYS A 1 8  ? 0.95744   -1.27373  -0.81958 0.436 8.37493  ? 8   CYS A H    1 
ATOM   113 H HA   A CYS A 1 8  ? 3.01864   -2.28522  -2.12413 0.564 10.72926 ? 8   CYS A HA   1 
ATOM   114 H HA   B CYS A 1 8  ? 3.01550   -2.28593  -2.09824 0.436 8.17622  ? 8   CYS A HA   1 
ATOM   115 H HB2  A CYS A 1 8  ? 0.94733   -0.60208  -3.00995 0.564 13.24941 ? 8   CYS A HB2  1 
ATOM   116 H HB2  B CYS A 1 8  ? 0.92304   -2.18785  -3.11457 0.436 9.04296  ? 8   CYS A HB2  1 
ATOM   117 H HB3  A CYS A 1 8  ? 2.09149   -1.09556  -3.99626 0.564 13.24941 ? 8   CYS A HB3  1 
ATOM   118 H HB3  B CYS A 1 8  ? 0.99238   -0.60021  -3.11284 0.436 9.04296  ? 8   CYS A HB3  1 
ATOM   119 H HG   A CYS A 1 8  ? -0.01496  -3.08737  -2.58576 0.564 17.07365 ? 8   CYS A HG   1 
ATOM   120 H HG   B CYS A 1 8  ? 1.44441   -1.43731  -5.63051 0.436 9.43855  ? 8   CYS A HG   1 
HETATM 121 N N    . AIB A 1 9  ? 3.03170   0.90309   -1.77912 1.000 6.91411  ? 9   AIB A N    1 
HETATM 122 C CA   . AIB A 1 9  ? 3.84498   2.10560   -1.81698 1.000 6.99464  ? 9   AIB A CA   1 
HETATM 123 C C    . AIB A 1 9  ? 5.14441   1.96988   -1.00759 1.000 7.02377  ? 9   AIB A C    1 
HETATM 124 O O    . AIB A 1 9  ? 6.22746   2.38703   -1.40555 1.000 7.26674  ? 9   AIB A O    1 
HETATM 125 C CB1  . AIB A 1 9  ? 4.18972   2.48666   -3.26738 1.000 7.38972  ? 9   AIB A CB1  1 
HETATM 126 C CB2  . AIB A 1 9  ? 3.07124   3.29872   -1.21561 1.000 7.36082  ? 9   AIB A CB2  1 
HETATM 127 H H    . AIB A 1 9  ? 2.20935   1.06172   -1.23088 1.000 8.31982  ? 9   AIB A H    1 
HETATM 128 H HB11 . AIB A 1 9  ? 4.93507   3.31727   -3.27131 1.000 8.89055  ? 9   AIB A HB11 1 
HETATM 129 H HB12 . AIB A 1 9  ? 4.62070   1.60351   -3.79629 1.000 8.89055  ? 9   AIB A HB12 1 
HETATM 130 H HB13 . AIB A 1 9  ? 3.26634   2.81886   -3.79887 1.000 8.89055  ? 9   AIB A HB13 1 
HETATM 131 H HB21 . AIB A 1 9  ? 3.72556   4.20384   -1.23301 1.000 8.85588  ? 9   AIB A HB21 1 
HETATM 132 H HB22 . AIB A 1 9  ? 2.15294   3.48212   -1.82452 1.000 8.85588  ? 9   AIB A HB22 1 
HETATM 133 H HB23 . AIB A 1 9  ? 2.78684   3.05580   -0.16310 1.000 8.85588  ? 9   AIB A HB23 1 
ATOM   134 N N    . LEU A 1 10 ? 5.02041   1.35396   0.17642  1.000 7.05502  ? 10  LEU A N    1 
ATOM   135 C CA   . LEU A 1 10 ? 6.16167   1.25202   1.08807  1.000 7.10681  ? 10  LEU A CA   1 
ATOM   136 C C    . LEU A 1 10 ? 6.94422   -0.04327  0.91637  1.000 8.66069  ? 10  LEU A C    1 
ATOM   137 O O    . LEU A 1 10 ? 7.81732   -0.39010  1.71120  1.000 10.03269 ? 10  LEU A O    1 
ATOM   138 C CB   . LEU A 1 10 ? 5.68300   1.33964   2.52936  1.000 7.18965  ? 10  LEU A CB   1 
ATOM   139 C CG   . LEU A 1 10 ? 5.15618   2.71976   2.90947  1.000 8.03033  ? 10  LEU A CG   1 
ATOM   140 C CD1  . LEU A 1 10 ? 4.67931   2.66485   4.34584  1.000 8.34781  ? 10  LEU A CD1  1 
ATOM   141 C CD2  . LEU A 1 10 ? 6.19140   3.81455   2.71915  1.000 9.14104  ? 10  LEU A CD2  1 
ATOM   142 H H    . LEU A 1 10 ? 4.29584   0.99359   0.46752  1.000 8.48891  ? 10  LEU A H    1 
ATOM   143 H HA   . LEU A 1 10 ? 6.76241   1.98691   0.88823  1.000 8.55106  ? 10  LEU A HA   1 
ATOM   144 H HB2  . LEU A 1 10 ? 4.96553   0.70004   2.65993  1.000 8.65046  ? 10  LEU A HB2  1 
ATOM   145 H HB3  . LEU A 1 10 ? 6.42487   1.13083   3.11838  1.000 8.65046  ? 10  LEU A HB3  1 
ATOM   146 H HG   . LEU A 1 10 ? 4.42086   2.95546   2.32238  1.000 9.65928  ? 10  LEU A HG   1 
ATOM   147 H HD11 . LEU A 1 10 ? 4.36055   3.54310   4.60657  1.000 10.04026 ? 10  LEU A HD11 1 
ATOM   148 H HD12 . LEU A 1 10 ? 3.95998   2.01782   4.41526  1.000 10.04026 ? 10  LEU A HD12 1 
ATOM   149 H HD13 . LEU A 1 10 ? 5.41908   2.39929   4.91426  1.000 10.04026 ? 10  LEU A HD13 1 
ATOM   150 H HD21 . LEU A 1 10 ? 5.86047   4.63479   3.11738  1.000 10.99214 ? 10  LEU A HD21 1 
ATOM   151 H HD22 . LEU A 1 10 ? 7.01739   3.54673   3.15148  1.000 10.99214 ? 10  LEU A HD22 1 
ATOM   152 H HD23 . LEU A 1 10 ? 6.34213   3.94507   1.76986  1.000 10.99214 ? 10  LEU A HD23 1 
HETATM 153 C C11  . I77 A 1 11 ? 8.95344   -3.19156  -3.37477 1.000 21.21218 ? 11  I77 A C11  1 
HETATM 154 C C12  . I77 A 1 11 ? 9.12502   -3.00375  -1.99460 1.000 15.91806 ? 11  I77 A C12  1 
HETATM 155 C C13  . I77 A 1 11 ? 8.60280   -1.72778  -1.39717 1.000 11.26817 ? 11  I77 A C13  1 
HETATM 156 C C17  . I77 A 1 11 ? 9.69973   -3.99645  -1.19734 1.000 16.61692 ? 11  I77 A C17  1 
HETATM 157 C C18  . I77 A 1 11 ? 10.11931  -5.16270  -1.85611 1.000 18.32446 ? 11  I77 A C18  1 
HETATM 158 C C02  . I77 A 1 11 ? 11.45966  -10.07829 -6.07540 1.000 27.40846 ? 11  I77 A C02  1 
HETATM 159 C C03  . I77 A 1 11 ? 11.05603  -8.77300  -5.29407 1.000 27.96806 ? 11  I77 A C03  1 
HETATM 160 C C04  . I77 A 1 11 ? 10.55543  -7.70511  -6.02898 1.000 28.52286 ? 11  I77 A C04  1 
HETATM 161 C C05  . I77 A 1 11 ? 10.19449  -6.54574  -5.32499 1.000 27.20413 ? 11  I77 A C05  1 
HETATM 162 C C06  . I77 A 1 11 ? 11.19227  -8.68205  -3.85935 1.000 26.26881 ? 11  I77 A C06  1 
HETATM 163 C C08  . I77 A 1 11 ? 10.36234  -6.51133  -3.94057 1.000 24.46540 ? 11  I77 A C08  1 
HETATM 164 C C09  . I77 A 1 11 ? 9.94660   -5.28861  -3.24742 1.000 21.56151 ? 11  I77 A C09  1 
HETATM 165 N N01  . I77 A 1 11 ? 11.31984  -10.09423 -7.51550 1.000 21.35340 ? 11  I77 A N01  1 
HETATM 166 N N07  . I77 A 1 11 ? 10.83805  -7.58106  -3.24633 1.000 24.81530 ? 11  I77 A N07  1 
HETATM 167 N N10  . I77 A 1 11 ? 9.38063   -4.34003  -3.96424 1.000 22.61788 ? 11  I77 A N10  1 
HETATM 168 N N14  . I77 A 1 11 ? 7.27959   -1.85678  -0.83241 1.000 11.09142 ? 11  I77 A N14  1 
HETATM 169 N N15  . I77 A 1 11 ? 6.65692   -0.72463  -0.29909 1.000 10.34567 ? 11  I77 A N15  1 
HETATM 170 O O16  . I77 A 1 11 ? 9.16866   -0.73427  -1.37241 1.000 10.22597 ? 11  I77 A O16  1 
HETATM 171 O O19  . I77 A 1 11 ? 11.86760  -11.07318 -5.47527 1.000 30.38375 ? 11  I77 A O19  1 
HETATM 172 H H111 . I77 A 1 11 ? 8.45506   -2.38000  -4.00316 1.000 25.47750 ? 11  I77 A H111 1 
HETATM 173 H H171 . I77 A 1 11 ? 9.81498   -3.87188  -0.12772 1.000 19.96320 ? 11  I77 A H171 1 
HETATM 174 H H181 . I77 A 1 11 ? 10.57706  -5.96759  -1.29251 1.000 22.01225 ? 11  I77 A H181 1 
HETATM 175 H H041 . I77 A 1 11 ? 10.44716  -7.76513  -7.10992 1.000 34.25033 ? 11  I77 A H041 1 
HETATM 176 H H051 . I77 A 1 11 ? 9.81101   -5.73199  -5.82460 1.000 32.66785 ? 11  I77 A H051 1 
HETATM 177 H H061 . I77 A 1 11 ? 11.58217  -9.51344  -3.29850 1.000 31.54546 ? 11  I77 A H061 1 
HETATM 178 H H011 . I77 A 1 11 ? 11.57526  -10.92792 -8.03770 1.000 25.64697 ? 11  I77 A H011 1 
HETATM 179 H H012 . I77 A 1 11 ? 10.98199  -9.27672  -8.01003 1.000 25.64697 ? 11  I77 A H012 1 
HETATM 180 H H141 . I77 A 1 11 ? 6.81819   -2.73601  -0.82258 1.000 13.33259 ? 11  I77 A H141 1 
HETATM 181 H H1   . I77 A 1 11 ? 6.95874   0.10228   -0.81651 1.000 12.43770 ? 11  I77 A H1   1 
HETATM 182 O O    . HOH B 2 .  ? 10.39651  -3.72049  -6.55801 1.000 32.63349 ? 201 HOH A O    1 
# 
loop_
_atom_site_anisotrop.id 
_atom_site_anisotrop.type_symbol 
_atom_site_anisotrop.pdbx_label_atom_id 
_atom_site_anisotrop.pdbx_label_alt_id 
_atom_site_anisotrop.pdbx_label_comp_id 
_atom_site_anisotrop.pdbx_label_asym_id 
_atom_site_anisotrop.pdbx_label_seq_id 
_atom_site_anisotrop.pdbx_PDB_ins_code 
_atom_site_anisotrop.U[1][1] 
_atom_site_anisotrop.U[2][2] 
_atom_site_anisotrop.U[3][3] 
_atom_site_anisotrop.U[1][2] 
_atom_site_anisotrop.U[1][3] 
_atom_site_anisotrop.U[2][3] 
_atom_site_anisotrop.pdbx_auth_seq_id 
_atom_site_anisotrop.pdbx_auth_comp_id 
_atom_site_anisotrop.pdbx_auth_asym_id 
_atom_site_anisotrop.pdbx_auth_atom_id 
1   N N   . NIO A 1  ? 0.09856 0.27654 0.22402 0.00530  -0.00238 -0.09900 1   NIO A N   
2   C C1  . NIO A 1  ? 0.08625 0.25865 0.19306 0.00976  0.00080  -0.07562 1   NIO A C1  
3   C C2  . NIO A 1  ? 0.06597 0.22465 0.11924 0.01438  0.00702  -0.02713 1   NIO A C2  
4   C C3  . NIO A 1  ? 0.07345 0.24207 0.15435 0.00043  0.02332  -0.04898 1   NIO A C3  
5   C C4  . NIO A 1  ? 0.08885 0.25948 0.17709 -0.00890 0.03245  -0.06995 1   NIO A C4  
6   C C5  . NIO A 1  ? 0.10093 0.27027 0.18737 -0.00499 0.01947  -0.08284 1   NIO A C5  
7   C C6  . NIO A 1  ? 0.05476 0.19026 0.09931 0.02046  0.01336  0.00032  1   NIO A C6  
8   O O1  . NIO A 1  ? 0.05708 0.18669 0.10909 0.02217  0.01865  -0.00298 1   NIO A O1  
13  N N   . LEU A 2  ? 0.05108 0.16540 0.09637 0.01747  0.01907  0.01416  2   LEU A N   
14  C CA  . LEU A 2  ? 0.04613 0.14755 0.09115 0.01797  0.01554  0.02424  2   LEU A CA  
15  C C   . LEU A 2  ? 0.04419 0.14272 0.10368 0.01648  0.01654  0.01851  2   LEU A C   
16  O O   . LEU A 2  ? 0.04200 0.14152 0.11019 0.01495  0.01293  0.01833  2   LEU A O   
17  C CB  . LEU A 2  ? 0.05035 0.14245 0.10175 0.01997  0.01292  0.02610  2   LEU A CB  
18  C CG  . LEU A 2  ? 0.06651 0.14514 0.13753 0.02639  -0.00155 0.01451  2   LEU A CG  
19  C CD1 . LEU A 2  ? 0.08471 0.15909 0.18422 0.03579  -0.02287 -0.01321 2   LEU A CD1 
20  C CD2 . LEU A 2  ? 0.06686 0.13999 0.15468 0.02316  0.00639  0.01504  2   LEU A CD2 
31  N N   A AIB A 3  ? 0.04534 0.13678 0.09922 0.01943  0.01888  0.01767  3   AIB A N   
32  C CA  A AIB A 3  ? 0.04679 0.14069 0.10411 0.02310  0.01707  0.01825  3   AIB A CA  
33  C C   A AIB A 3  ? 0.04391 0.14214 0.11805 0.01866  0.01761  0.00679  3   AIB A C   
34  O O   A AIB A 3  ? 0.04164 0.13998 0.12427 0.01853  0.01358  0.00484  3   AIB A O   
35  C CB1 A AIB A 3  ? 0.05177 0.13732 0.10761 0.02656  0.01340  0.01535  3   AIB A CB1 
36  C CB2 A AIB A 3  ? 0.04940 0.13553 0.11366 0.01956  0.02674  0.01332  3   AIB A CB2 
44  N N   . ALA A 4  ? 0.04788 0.15716 0.12804 0.01237  0.02459  -0.00107 4   ALA A N   
45  C CA  . ALA A 4  ? 0.05350 0.16525 0.13404 0.00853  0.03098  -0.00939 4   ALA A CA  
46  C C   . ALA A 4  ? 0.04997 0.16369 0.12812 0.00874  0.02658  -0.00290 4   ALA A C   
47  O O   . ALA A 4  ? 0.04889 0.16141 0.13706 0.01297  0.02493  -0.00474 4   ALA A O   
48  C CB  . ALA A 4  ? 0.06143 0.17937 0.16005 0.00731  0.03124  -0.02946 4   ALA A CB  
54  N N   . AIB A 5  ? 0.04651 0.16284 0.10974 0.00762  0.01853  0.00839  5   AIB A N   
55  C CA  . AIB A 5  ? 0.05127 0.16260 0.10032 0.00554  0.01288  0.01118  5   AIB A CA  
56  C C   . AIB A 5  ? 0.04646 0.15601 0.10211 0.00911  0.01953  0.01245  5   AIB A C   
57  O O   . AIB A 5  ? 0.04734 0.15238 0.10439 0.00673  0.02325  0.01081  5   AIB A O   
58  C CB1 . AIB A 5  ? 0.06712 0.17263 0.10406 -0.00388 0.02040  0.00357  5   AIB A CB1 
59  C CB2 . AIB A 5  ? 0.05714 0.16350 0.11352 0.00482  0.00866  0.01160  5   AIB A CB2 
67  N N   . LEU A 6  ? 0.04455 0.14834 0.09748 0.01414  0.01696  0.01357  6   LEU A N   
68  C CA  . LEU A 6  ? 0.04449 0.14124 0.10198 0.01705  0.01872  0.01162  6   LEU A CA  
69  C C   . LEU A 6  ? 0.04248 0.13411 0.10161 0.01602  0.01824  0.01298  6   LEU A C   
70  O O   . LEU A 6  ? 0.04458 0.13397 0.10628 0.01359  0.02323  0.01308  6   LEU A O   
71  C CB  . LEU A 6  ? 0.04889 0.14319 0.11467 0.02105  0.02410  0.00552  6   LEU A CB  
72  C CG  . LEU A 6  ? 0.05824 0.14688 0.13225 0.02150  0.02541  -0.00369 6   LEU A CG  
73  C CD1 . LEU A 6  ? 0.05681 0.14672 0.13903 0.02165  0.02844  -0.00712 6   LEU A CD1 
74  C CD2 . LEU A 6  ? 0.07048 0.14592 0.13205 0.02230  0.02048  -0.00381 6   LEU A CD2 
86  N N   . AIB A 7  ? 0.04128 0.12977 0.11048 0.01773  0.01730  0.00910  7   AIB A N   
87  C CA  . AIB A 7  ? 0.04499 0.12981 0.11779 0.01529  0.02304  0.00801  7   AIB A CA  
88  C C   . AIB A 7  ? 0.04610 0.13024 0.11478 0.01370  0.02455  0.00417  7   AIB A C   
89  O O   . AIB A 7  ? 0.04942 0.13018 0.12471 0.01598  0.03111  0.00241  7   AIB A O   
90  C CB1 . AIB A 7  ? 0.04848 0.12719 0.11301 0.01668  0.01878  0.01143  7   AIB A CB1 
91  C CB2 . AIB A 7  ? 0.05112 0.13048 0.13220 0.00911  0.03476  0.00278  7   AIB A CB2 
99  N N   A CYS A 8  ? 0.05023 0.13731 0.12581 0.00459  0.03547  -0.00463 8   CYS A N   
100 N N   B CYS A 8  ? 0.04010 0.13096 0.09339 0.01913  0.01073  0.00814  8   CYS A N   
101 C CA  A CYS A 8  ? 0.06069 0.14931 0.12900 -0.00368 0.03912  -0.01807 8   CYS A CA  
102 C CA  B CYS A 8  ? 0.04288 0.13403 0.08124 0.01459  0.01396  0.00483  8   CYS A CA  
103 C C   A CYS A 8  ? 0.04536 0.13585 0.11354 0.00982  0.02338  -0.00433 8   CYS A C   
104 C C   B CYS A 8  ? 0.04598 0.12999 0.07858 0.00785  0.02397  0.00756  8   CYS A C   
105 O O   A CYS A 8  ? 0.04275 0.13669 0.13593 0.01782  0.01407  -0.01127 8   CYS A O   
106 O O   B CYS A 8  ? 0.04781 0.12653 0.06886 0.00485  0.02377  0.01000  8   CYS A O   
107 C CB  A CYS A 8  ? 0.09080 0.17435 0.15364 -0.02304 0.05263  -0.04897 8   CYS A CB  
108 C CB  B CYS A 8  ? 0.04293 0.14378 0.09887 0.01782  0.00679  -0.00890 8   CYS A CB  
109 S SG  A CYS A 8  ? 0.11850 0.20287 0.21850 -0.04013 0.06886  -0.09161 8   CYS A SG  
110 S SG  B CYS A 8  ? 0.05029 0.14559 0.10224 0.01517  0.01525  -0.01318 8   CYS A SG  
121 N N   . AIB A 9  ? 0.04079 0.12750 0.09442 0.01024  0.02126  0.00631  9   AIB A N   
122 C CA  . AIB A 9  ? 0.04237 0.12492 0.09848 0.01372  0.01788  0.01024  9   AIB A CA  
123 C C   . AIB A 9  ? 0.03935 0.12076 0.10677 0.01167  0.02185  0.00594  9   AIB A C   
124 O O   . AIB A 9  ? 0.04101 0.12239 0.11270 0.00794  0.02638  0.00299  9   AIB A O   
125 C CB1 . AIB A 9  ? 0.05454 0.12522 0.10103 0.00764  0.01927  0.00597  9   AIB A CB1 
126 C CB2 . AIB A 9  ? 0.04084 0.12243 0.11641 0.01787  0.01471  0.00425  9   AIB A CB2 
134 N N   . LEU A 10 ? 0.03984 0.12165 0.10657 0.01562  0.01929  0.00833  10  LEU A N   
135 C CA  . LEU A 10 ? 0.04423 0.12317 0.10262 0.02192  0.01628  0.01166  10  LEU A CA  
136 C C   . LEU A 10 ? 0.05182 0.13359 0.14365 0.03009  0.00616  -0.00495 10  LEU A C   
137 O O   . LEU A 10 ? 0.06132 0.14017 0.17971 0.03534  -0.00499 -0.02005 10  LEU A O   
138 C CB  . LEU A 10 ? 0.05473 0.12256 0.09588 0.02053  0.01663  0.01242  10  LEU A CB  
139 C CG  . LEU A 10 ? 0.07373 0.12708 0.10430 0.01696  0.02504  0.00600  10  LEU A CG  
140 C CD1 . LEU A 10 ? 0.08105 0.12996 0.10617 0.01508  0.03006  0.00360  10  LEU A CD1 
141 C CD2 . LEU A 10 ? 0.08773 0.13215 0.12744 0.01335  0.03075  -0.00490 10  LEU A CD2 
153 C C11 . I77 A 11 ? 0.24424 0.21980 0.34193 0.05723  0.01450  -0.12378 11  I77 A C11 
154 C C12 . I77 A 11 ? 0.18848 0.18661 0.22972 0.07058  -0.02374 -0.06526 11  I77 A C12 
155 C C13 . I77 A 11 ? 0.11145 0.16525 0.15145 0.05120  -0.00758 -0.02724 11  I77 A C13 
156 C C17 . I77 A 11 ? 0.22134 0.18273 0.22730 0.08875  -0.04795 -0.05767 11  I77 A C17 
157 C C18 . I77 A 11 ? 0.25057 0.18810 0.25757 0.09200  -0.04434 -0.06933 11  I77 A C18 
158 C C02 . I77 A 11 ? 0.32589 0.22400 0.49152 0.00938  0.06965  -0.14062 11  I77 A C02 
159 C C03 . I77 A 11 ? 0.34341 0.22655 0.49269 0.04475  0.01869  -0.14897 11  I77 A C03 
160 C C04 . I77 A 11 ? 0.34568 0.23520 0.50286 0.04913  0.02307  -0.16143 11  I77 A C04 
161 C C05 . I77 A 11 ? 0.33102 0.23067 0.47195 0.06137  0.01057  -0.15398 11  I77 A C05 
162 C C06 . I77 A 11 ? 0.34742 0.21458 0.43610 0.07521  -0.03227 -0.12510 11  I77 A C06 
163 C C08 . I77 A 11 ? 0.31086 0.21603 0.40268 0.08034  -0.02455 -0.12477 11  I77 A C08 
164 C C09 . I77 A 11 ? 0.27902 0.20775 0.33247 0.07895  -0.01742 -0.10454 11  I77 A C09 
165 N N01 . I77 A 11 ? 0.28984 0.18840 0.33310 -0.00678 0.09956  -0.06598 11  I77 A N01 
166 N N07 . I77 A 11 ? 0.33058 0.21012 0.40217 0.09116  -0.05238 -0.11498 11  I77 A N07 
167 N N10 . I77 A 11 ? 0.27842 0.22267 0.35828 0.05586  0.02593  -0.12957 11  I77 A N10 
168 N N14 . I77 A 11 ? 0.07474 0.15964 0.18704 0.03912  0.00477  -0.03528 11  I77 A N14 
169 N N15 . I77 A 11 ? 0.06178 0.14901 0.18230 0.03245  0.00703  -0.02601 11  I77 A N15 
170 O O16 . I77 A 11 ? 0.09995 0.16372 0.12487 0.03645  0.01175  -0.01869 11  I77 A O16 
171 O O19 . I77 A 11 ? 0.34917 0.23995 0.56534 -0.00182 0.07539  -0.16929 11  I77 A O19 
182 O O   . HOH B .  ? 0.41529 0.41403 0.41062 0.00140  0.00054  -0.00140 201 HOH A O   
# 
